data_3U57
#
_entry.id   3U57
#
_cell.length_a   104.885
_cell.length_b   129.552
_cell.length_c   216.918
_cell.angle_alpha   90.00
_cell.angle_beta   90.00
_cell.angle_gamma   90.00
#
_symmetry.space_group_name_H-M   'I 2 2 2'
#
loop_
_entity.id
_entity.type
_entity.pdbx_description
1 polymer Raucaffricine-O-beta-D-glucosidase
2 non-polymer '(2beta,7beta,16S,17R,19E,21beta)-21-(beta-D-glucopyranosyloxy)-2,7-dihydro-7,17-cyclosarpagan-17-yl acetate'
3 non-polymer 'CHLORIDE ION'
4 water water
#
_entity_poly.entity_id   1
_entity_poly.type   'polypeptide(L)'
_entity_poly.pdbx_seq_one_letter_code
;MATQSSAVIDSNDATRISRSDFPADFIMGTGSSAYQIEGGARDGGRGPSIWDTFTHRRPDMIRGGTNGDVAVDSYHLYKE
DVNILKNLGLDAYRFSISWSRVLPGGRLSGGVNKEGINYYNNLIDGLLANGIKPFVTLFHWDVPQALEDEYGGFLSPRIV
DDFCEYAELCFWEFGDRVKHWMTLNQPWTFSVHGYATGLYAPGRGRTSPEHVNHPTVQHRCSTVAPQCICSTGNPGTEPY
WVTHHLLLAHAAAVELYKNKFQRGQEGQIGISHATQWMEPWDENSASDVEAAARALDFMLGWFMEPITSGDYPKSMKKFV
GSRLPKFSPEQSKMLKGSYDFVGLNYYTASYVTNASTNSSGSNNFSYNTDIHVTYETDRNGVPIGPQSGSDWLLIYPEGI
RKILVYTKKTYNVPLIYVTENGVDDVKNTNLTLSEARKDSMRLKYLQDHIFNVRQAMNDGVNVKGYFAWSLLDNFEWGEG
YGVRFGIIHIDYNDNFARYPKDSAVWLMNSFHK
;
_entity_poly.pdbx_strand_id   A,B
#
loop_
_chem_comp.id
_chem_comp.type
_chem_comp.name
_chem_comp.formula
CL non-polymer 'CHLORIDE ION' 'Cl -1'
DH8 non-polymer '(2beta,7beta,16S,17R,19E,21beta)-21-(beta-D-glucopyranosyloxy)-2,7-dihydro-7,17-cyclosarpagan-17-yl acetate' 'C27 H34 N2 O8'
#
# COMPACT_ATOMS: atom_id res chain seq x y z
N ASN A 12 40.03 16.65 11.49
CA ASN A 12 39.74 15.20 11.69
C ASN A 12 38.35 14.97 12.32
N ASP A 13 37.32 15.40 11.59
CA ASP A 13 35.94 15.24 12.03
C ASP A 13 35.00 14.76 10.91
N ALA A 14 34.38 13.60 11.12
CA ALA A 14 33.47 13.00 10.15
C ALA A 14 32.46 13.98 9.56
N THR A 15 31.78 14.76 10.39
CA THR A 15 30.80 15.74 9.90
C THR A 15 31.39 16.74 8.91
N ARG A 16 32.71 16.74 8.75
CA ARG A 16 33.37 17.70 7.87
C ARG A 16 33.86 17.01 6.60
N ILE A 17 33.75 15.69 6.57
CA ILE A 17 34.18 14.90 5.42
C ILE A 17 33.50 15.42 4.15
N SER A 18 34.25 15.47 3.05
CA SER A 18 33.73 15.97 1.80
C SER A 18 34.56 15.46 0.63
N ARG A 19 34.15 15.79 -0.60
CA ARG A 19 34.82 15.21 -1.76
C ARG A 19 36.30 15.51 -1.80
N SER A 20 36.71 16.60 -1.14
CA SER A 20 38.07 17.06 -1.31
C SER A 20 39.05 16.29 -0.45
N ASP A 21 38.54 15.48 0.47
CA ASP A 21 39.39 14.53 1.19
C ASP A 21 39.76 13.27 0.39
N PHE A 22 39.42 13.19 -0.89
CA PHE A 22 39.67 11.93 -1.60
C PHE A 22 40.40 12.18 -2.91
N PRO A 23 41.07 11.16 -3.43
CA PRO A 23 41.75 11.33 -4.72
C PRO A 23 40.75 11.73 -5.77
N ALA A 24 41.19 12.40 -6.82
CA ALA A 24 40.23 12.95 -7.77
C ALA A 24 39.48 11.87 -8.57
N ASP A 25 40.09 10.71 -8.76
CA ASP A 25 39.47 9.64 -9.52
C ASP A 25 38.55 8.77 -8.63
N PHE A 26 38.33 9.21 -7.40
CA PHE A 26 37.49 8.42 -6.49
C PHE A 26 36.06 8.60 -6.93
N ILE A 27 35.23 7.57 -6.77
CA ILE A 27 33.91 7.53 -7.39
C ILE A 27 32.84 7.47 -6.34
N MET A 28 31.88 8.38 -6.40
CA MET A 28 30.74 8.33 -5.48
C MET A 28 29.46 7.97 -6.21
N GLY A 29 28.65 7.07 -5.65
CA GLY A 29 27.34 6.80 -6.22
C GLY A 29 26.28 6.22 -5.30
N THR A 30 25.25 5.63 -5.91
CA THR A 30 24.09 5.02 -5.24
C THR A 30 23.64 3.78 -6.04
N GLY A 31 22.60 3.09 -5.58
CA GLY A 31 22.29 1.78 -6.13
C GLY A 31 20.88 1.26 -5.93
N SER A 32 20.54 0.23 -6.70
CA SER A 32 19.23 -0.44 -6.67
C SER A 32 19.42 -1.83 -7.22
N SER A 33 18.45 -2.71 -7.00
CA SER A 33 18.40 -3.91 -7.77
C SER A 33 17.01 -3.99 -8.49
N ALA A 34 16.95 -4.73 -9.59
CA ALA A 34 15.80 -4.72 -10.49
C ALA A 34 14.48 -5.04 -9.81
N TYR A 35 14.45 -6.13 -9.07
CA TYR A 35 13.21 -6.53 -8.48
C TYR A 35 12.74 -5.54 -7.36
N GLN A 36 13.68 -4.87 -6.67
CA GLN A 36 13.23 -3.97 -5.59
C GLN A 36 12.61 -2.68 -6.08
N ILE A 37 12.94 -2.25 -7.30
CA ILE A 37 12.43 -0.96 -7.79
C ILE A 37 11.62 -0.99 -9.09
N GLU A 38 11.86 -1.96 -9.94
CA GLU A 38 11.24 -1.89 -11.29
C GLU A 38 9.71 -1.91 -11.38
N GLY A 39 9.04 -2.85 -10.72
CA GLY A 39 7.65 -3.19 -11.12
C GLY A 39 7.65 -3.61 -12.61
N GLY A 40 6.60 -3.21 -13.32
CA GLY A 40 6.25 -3.75 -14.63
C GLY A 40 6.63 -5.21 -14.69
N ALA A 41 6.28 -5.98 -13.66
CA ALA A 41 6.72 -7.38 -13.59
C ALA A 41 6.16 -8.27 -14.72
N ARG A 42 5.05 -7.87 -15.29
CA ARG A 42 4.47 -8.59 -16.44
C ARG A 42 4.25 -7.57 -17.55
N ASP A 43 5.01 -6.48 -17.56
CA ASP A 43 4.98 -5.58 -18.66
C ASP A 43 6.22 -5.78 -19.56
N GLY A 44 6.11 -5.27 -20.79
CA GLY A 44 7.12 -5.36 -21.82
C GLY A 44 7.74 -6.71 -22.00
N GLY A 45 6.94 -7.78 -21.88
CA GLY A 45 7.40 -9.12 -22.17
C GLY A 45 8.10 -9.82 -21.05
N ARG A 46 8.27 -9.18 -19.87
CA ARG A 46 9.04 -9.81 -18.80
C ARG A 46 8.47 -11.10 -18.38
N GLY A 47 9.27 -12.14 -18.18
CA GLY A 47 8.78 -13.36 -17.55
C GLY A 47 9.06 -13.39 -16.06
N PRO A 48 8.52 -14.39 -15.37
CA PRO A 48 8.62 -14.40 -13.91
C PRO A 48 9.93 -14.92 -13.35
N SER A 49 10.38 -14.33 -12.24
CA SER A 49 11.51 -14.84 -11.50
C SER A 49 10.97 -15.60 -10.31
N ILE A 50 11.87 -16.32 -9.64
CA ILE A 50 11.49 -17.04 -8.42
C ILE A 50 10.92 -16.08 -7.34
N TRP A 51 11.23 -14.79 -7.43
CA TRP A 51 10.66 -13.84 -6.46
C TRP A 51 9.18 -13.46 -6.74
N ASP A 52 8.81 -13.42 -8.01
CA ASP A 52 7.41 -13.28 -8.34
C ASP A 52 6.59 -14.42 -7.74
N THR A 53 7.07 -15.64 -7.94
CA THR A 53 6.34 -16.82 -7.53
C THR A 53 6.31 -16.93 -6.01
N PHE A 54 7.42 -16.57 -5.38
CA PHE A 54 7.49 -16.73 -3.96
C PHE A 54 6.47 -15.78 -3.30
N THR A 55 6.42 -14.52 -3.75
CA THR A 55 5.56 -13.55 -3.11
C THR A 55 4.09 -13.77 -3.48
N HIS A 56 3.84 -14.44 -4.61
CA HIS A 56 2.49 -14.66 -5.04
C HIS A 56 1.93 -15.94 -4.42
N ARG A 57 2.77 -16.95 -4.22
CA ARG A 57 2.26 -18.21 -3.68
C ARG A 57 2.41 -18.32 -2.19
N ARG A 58 3.32 -17.55 -1.61
CA ARG A 58 3.55 -17.62 -0.18
C ARG A 58 3.59 -16.24 0.40
N PRO A 59 2.49 -15.49 0.24
CA PRO A 59 2.32 -14.12 0.74
C PRO A 59 2.45 -14.07 2.26
N ASP A 60 2.14 -15.17 2.92
CA ASP A 60 2.38 -15.23 4.34
C ASP A 60 3.86 -15.05 4.68
N MET A 61 4.76 -15.00 3.71
CA MET A 61 6.21 -14.94 4.04
C MET A 61 6.74 -13.54 3.91
N ILE A 62 5.87 -12.64 3.49
CA ILE A 62 6.21 -11.24 3.31
C ILE A 62 5.31 -10.39 4.20
N ARG A 63 5.95 -9.49 4.95
CA ARG A 63 5.26 -8.55 5.79
C ARG A 63 4.24 -7.82 4.93
N GLY A 64 2.97 -7.89 5.33
CA GLY A 64 1.89 -7.26 4.57
C GLY A 64 1.42 -8.11 3.40
N GLY A 65 2.05 -9.26 3.17
CA GLY A 65 1.68 -10.10 2.01
C GLY A 65 1.83 -9.37 0.69
N THR A 66 2.76 -8.42 0.58
CA THR A 66 2.91 -7.61 -0.63
C THR A 66 3.93 -8.27 -1.60
N ASN A 67 4.17 -7.64 -2.74
CA ASN A 67 5.09 -8.19 -3.73
C ASN A 67 5.63 -7.08 -4.62
N GLY A 68 6.53 -7.43 -5.54
CA GLY A 68 7.13 -6.44 -6.39
C GLY A 68 6.47 -6.27 -7.75
N ASP A 69 5.15 -6.49 -7.85
CA ASP A 69 4.48 -6.34 -9.16
C ASP A 69 4.63 -4.93 -9.69
N VAL A 70 4.50 -3.96 -8.79
CA VAL A 70 4.61 -2.55 -9.17
C VAL A 70 5.82 -1.88 -8.49
N ALA A 71 6.19 -2.38 -7.31
CA ALA A 71 7.29 -1.84 -6.51
C ALA A 71 7.23 -0.30 -6.47
N VAL A 72 8.30 0.38 -6.89
CA VAL A 72 8.23 1.83 -6.98
C VAL A 72 8.19 2.30 -8.41
N ASP A 73 7.98 1.33 -9.31
CA ASP A 73 7.60 1.59 -10.73
C ASP A 73 8.70 2.29 -11.54
N SER A 74 9.94 1.99 -11.22
CA SER A 74 11.01 2.56 -12.05
C SER A 74 10.91 2.08 -13.49
N TYR A 75 10.21 0.97 -13.73
CA TYR A 75 10.06 0.54 -15.11
C TYR A 75 9.46 1.67 -15.94
N HIS A 76 8.41 2.31 -15.41
CA HIS A 76 7.76 3.44 -16.11
C HIS A 76 8.32 4.81 -15.75
N LEU A 77 8.90 4.96 -14.56
CA LEU A 77 9.30 6.29 -14.06
C LEU A 77 10.81 6.55 -14.17
N TYR A 78 11.51 5.69 -14.89
CA TYR A 78 12.97 5.78 -14.93
C TYR A 78 13.48 7.15 -15.39
N LYS A 79 12.72 7.86 -16.21
CA LYS A 79 13.18 9.17 -16.61
C LYS A 79 13.26 10.08 -15.40
N GLU A 80 12.37 9.88 -14.44
CA GLU A 80 12.38 10.72 -13.27
C GLU A 80 13.58 10.36 -12.41
N ASP A 81 13.81 9.06 -12.27
CA ASP A 81 14.94 8.55 -11.53
C ASP A 81 16.24 9.13 -12.08
N VAL A 82 16.34 9.25 -13.38
CA VAL A 82 17.55 9.72 -13.98
C VAL A 82 17.68 11.21 -13.71
N ASN A 83 16.56 11.90 -13.65
CA ASN A 83 16.60 13.30 -13.35
C ASN A 83 17.09 13.49 -11.88
N ILE A 84 16.59 12.67 -10.98
CA ILE A 84 17.05 12.69 -9.62
C ILE A 84 18.58 12.41 -9.52
N LEU A 85 19.06 11.42 -10.26
CA LEU A 85 20.47 11.11 -10.23
C LEU A 85 21.29 12.30 -10.71
N LYS A 86 20.79 12.98 -11.73
CA LYS A 86 21.40 14.18 -12.25
C LYS A 86 21.46 15.24 -11.15
N ASN A 87 20.32 15.68 -10.64
CA ASN A 87 20.31 16.68 -9.57
C ASN A 87 21.22 16.31 -8.40
N LEU A 88 21.32 15.02 -8.13
CA LEU A 88 22.13 14.53 -7.04
C LEU A 88 23.66 14.75 -7.30
N GLY A 89 24.08 14.69 -8.55
CA GLY A 89 25.44 15.10 -8.93
C GLY A 89 26.56 14.15 -8.59
N LEU A 90 26.25 12.91 -8.25
CA LEU A 90 27.29 11.93 -7.97
C LEU A 90 27.79 11.28 -9.27
N ASP A 91 28.81 10.42 -9.20
CA ASP A 91 29.50 10.02 -10.45
C ASP A 91 28.84 8.82 -11.12
N ALA A 92 28.25 7.95 -10.30
CA ALA A 92 27.85 6.67 -10.77
C ALA A 92 26.57 6.15 -10.13
N TYR A 93 26.02 5.13 -10.79
CA TYR A 93 24.80 4.49 -10.39
C TYR A 93 24.91 3.00 -10.65
N ARG A 94 24.67 2.23 -9.62
CA ARG A 94 24.78 0.80 -9.64
C ARG A 94 23.35 0.25 -9.78
N PHE A 95 23.05 -0.51 -10.82
CA PHE A 95 21.74 -1.20 -10.85
C PHE A 95 21.94 -2.61 -11.37
N SER A 96 20.95 -3.48 -11.22
CA SER A 96 21.05 -4.78 -11.89
C SER A 96 20.03 -4.94 -13.01
N ILE A 97 20.26 -5.98 -13.80
CA ILE A 97 19.42 -6.34 -14.92
C ILE A 97 18.58 -7.50 -14.51
N SER A 98 17.30 -7.45 -14.86
CA SER A 98 16.40 -8.58 -14.56
C SER A 98 16.59 -9.61 -15.69
N TRP A 99 17.22 -10.72 -15.37
CA TRP A 99 17.46 -11.84 -16.27
C TRP A 99 16.15 -12.25 -17.07
N SER A 100 15.01 -12.34 -16.37
CA SER A 100 13.78 -12.84 -17.00
C SER A 100 13.03 -11.74 -17.73
N ARG A 101 13.52 -10.50 -17.60
CA ARG A 101 13.04 -9.42 -18.45
C ARG A 101 13.71 -9.43 -19.85
N VAL A 102 14.94 -9.89 -19.96
CA VAL A 102 15.54 -9.89 -21.29
C VAL A 102 15.43 -11.28 -21.87
N LEU A 103 15.44 -12.28 -21.01
CA LEU A 103 15.18 -13.65 -21.43
C LEU A 103 14.03 -14.23 -20.60
N PRO A 104 12.79 -14.10 -21.08
CA PRO A 104 11.60 -14.51 -20.27
C PRO A 104 11.64 -15.95 -19.86
N GLY A 105 12.26 -16.78 -20.68
CA GLY A 105 12.38 -18.21 -20.36
C GLY A 105 13.76 -18.58 -19.82
N GLY A 106 14.57 -17.58 -19.48
CA GLY A 106 15.86 -17.91 -18.87
C GLY A 106 16.87 -18.39 -19.90
N ARG A 107 16.56 -19.44 -20.64
CA ARG A 107 17.47 -19.88 -21.68
C ARG A 107 17.03 -19.31 -23.00
N LEU A 108 17.94 -19.30 -23.98
CA LEU A 108 17.72 -18.64 -25.28
C LEU A 108 16.53 -19.23 -26.04
N SER A 109 16.37 -20.53 -25.97
CA SER A 109 15.27 -21.12 -26.72
C SER A 109 13.93 -20.59 -26.20
N GLY A 110 13.95 -19.84 -25.10
CA GLY A 110 12.71 -19.29 -24.57
C GLY A 110 12.37 -17.96 -25.24
N GLY A 111 13.22 -17.44 -26.09
CA GLY A 111 12.90 -16.16 -26.73
C GLY A 111 13.75 -15.05 -26.14
N VAL A 112 14.05 -14.05 -26.97
CA VAL A 112 14.87 -12.94 -26.60
C VAL A 112 13.97 -11.76 -26.66
N ASN A 113 13.83 -11.03 -25.56
CA ASN A 113 12.82 -10.00 -25.50
C ASN A 113 13.32 -8.61 -25.85
N LYS A 114 13.18 -8.23 -27.12
CA LYS A 114 13.61 -6.92 -27.57
C LYS A 114 13.22 -5.76 -26.68
N GLU A 115 12.02 -5.82 -26.12
CA GLU A 115 11.48 -4.65 -25.47
C GLU A 115 12.18 -4.44 -24.11
N GLY A 116 12.48 -5.54 -23.45
CA GLY A 116 13.26 -5.50 -22.23
C GLY A 116 14.66 -4.96 -22.49
N ILE A 117 15.33 -5.55 -23.48
CA ILE A 117 16.59 -4.99 -23.96
C ILE A 117 16.48 -3.49 -24.21
N ASN A 118 15.40 -3.06 -24.83
CA ASN A 118 15.26 -1.65 -25.18
C ASN A 118 15.13 -0.74 -23.92
N TYR A 119 14.47 -1.25 -22.89
CA TYR A 119 14.40 -0.58 -21.62
C TYR A 119 15.81 -0.30 -21.05
N TYR A 120 16.64 -1.34 -20.94
CA TYR A 120 17.96 -1.14 -20.40
C TYR A 120 18.79 -0.15 -21.25
N ASN A 121 18.68 -0.23 -22.58
CA ASN A 121 19.38 0.73 -23.42
C ASN A 121 18.92 2.12 -23.14
N ASN A 122 17.63 2.29 -22.92
CA ASN A 122 17.13 3.64 -22.66
C ASN A 122 17.62 4.14 -21.32
N LEU A 123 17.74 3.25 -20.36
CA LEU A 123 18.24 3.59 -19.05
C LEU A 123 19.71 4.04 -19.19
N ILE A 124 20.54 3.16 -19.73
CA ILE A 124 21.97 3.43 -20.00
C ILE A 124 22.22 4.74 -20.77
N ASP A 125 21.54 4.94 -21.90
CA ASP A 125 21.78 6.16 -22.64
C ASP A 125 21.41 7.39 -21.79
N GLY A 126 20.26 7.33 -21.10
CA GLY A 126 19.84 8.46 -20.27
C GLY A 126 20.85 8.77 -19.16
N LEU A 127 21.44 7.74 -18.57
CA LEU A 127 22.49 7.94 -17.57
C LEU A 127 23.67 8.66 -18.20
N LEU A 128 24.25 8.06 -19.25
CA LEU A 128 25.35 8.68 -19.99
C LEU A 128 25.07 10.07 -20.48
N ALA A 129 23.86 10.34 -20.95
CA ALA A 129 23.62 11.69 -21.44
C ALA A 129 23.79 12.66 -20.30
N ASN A 130 23.64 12.20 -19.07
CA ASN A 130 23.75 13.10 -17.93
C ASN A 130 25.07 12.99 -17.18
N GLY A 131 26.05 12.38 -17.83
CA GLY A 131 27.35 12.24 -17.20
C GLY A 131 27.42 11.29 -16.02
N ILE A 132 26.48 10.36 -15.89
CA ILE A 132 26.50 9.38 -14.80
C ILE A 132 26.95 8.02 -15.30
N LYS A 133 27.97 7.43 -14.69
CA LYS A 133 28.51 6.16 -15.16
C LYS A 133 27.76 4.99 -14.59
N PRO A 134 27.38 4.04 -15.47
CA PRO A 134 26.61 2.89 -15.00
C PRO A 134 27.48 1.74 -14.54
N PHE A 135 27.18 1.18 -13.37
CA PHE A 135 27.78 -0.05 -12.90
C PHE A 135 26.70 -1.12 -12.87
N VAL A 136 26.91 -2.20 -13.61
CA VAL A 136 25.81 -3.11 -13.86
C VAL A 136 26.05 -4.46 -13.24
N THR A 137 25.08 -4.90 -12.45
CA THR A 137 25.09 -6.24 -11.87
C THR A 137 24.13 -7.16 -12.65
N LEU A 138 24.63 -8.30 -13.08
CA LEU A 138 23.87 -9.23 -13.91
C LEU A 138 22.80 -9.96 -13.05
N PHE A 139 23.19 -10.39 -11.84
CA PHE A 139 22.31 -11.22 -11.01
C PHE A 139 22.10 -10.74 -9.56
N HIS A 140 20.85 -10.41 -9.22
CA HIS A 140 20.50 -10.09 -7.85
C HIS A 140 19.29 -10.95 -7.44
N TRP A 141 19.50 -12.26 -7.41
CA TRP A 141 18.57 -13.24 -6.86
C TRP A 141 17.29 -13.55 -7.67
N ASP A 142 17.05 -12.81 -8.77
CA ASP A 142 15.83 -13.00 -9.52
C ASP A 142 15.96 -14.11 -10.59
N VAL A 143 16.24 -15.34 -10.16
CA VAL A 143 16.33 -16.47 -11.09
C VAL A 143 15.03 -16.60 -11.89
N PRO A 144 15.15 -16.73 -13.24
CA PRO A 144 13.97 -16.99 -14.10
C PRO A 144 13.24 -18.22 -13.60
N GLN A 145 11.93 -18.10 -13.35
CA GLN A 145 11.15 -19.25 -12.85
C GLN A 145 11.24 -20.47 -13.81
N ALA A 146 11.32 -20.20 -15.12
CA ALA A 146 11.44 -21.32 -16.10
C ALA A 146 12.60 -22.22 -15.80
N LEU A 147 13.75 -21.62 -15.45
CA LEU A 147 14.94 -22.43 -15.16
C LEU A 147 14.80 -23.12 -13.81
N GLU A 148 14.19 -22.43 -12.84
CA GLU A 148 13.97 -23.06 -11.55
C GLU A 148 13.14 -24.32 -11.73
N ASP A 149 12.06 -24.20 -12.53
CA ASP A 149 11.15 -25.34 -12.75
C ASP A 149 11.77 -26.42 -13.62
N GLU A 150 12.56 -26.03 -14.60
CA GLU A 150 13.08 -27.06 -15.48
C GLU A 150 14.10 -27.96 -14.79
N TYR A 151 15.00 -27.39 -14.01
CA TYR A 151 16.04 -28.24 -13.43
C TYR A 151 16.54 -27.79 -12.06
N GLY A 152 15.70 -27.01 -11.36
CA GLY A 152 16.03 -26.51 -10.03
C GLY A 152 17.00 -25.34 -9.98
N GLY A 153 17.10 -24.56 -11.05
CA GLY A 153 17.94 -23.38 -11.04
C GLY A 153 19.35 -23.66 -10.52
N PHE A 154 19.81 -22.90 -9.53
CA PHE A 154 21.20 -23.03 -9.04
C PHE A 154 21.51 -24.30 -8.29
N LEU A 155 20.50 -25.12 -8.01
CA LEU A 155 20.84 -26.47 -7.56
C LEU A 155 21.55 -27.28 -8.64
N SER A 156 21.29 -27.00 -9.92
CA SER A 156 21.83 -27.85 -10.98
C SER A 156 23.03 -27.19 -11.63
N PRO A 157 23.99 -27.97 -12.09
CA PRO A 157 25.10 -27.31 -12.76
C PRO A 157 24.71 -26.81 -14.14
N ARG A 158 23.51 -27.14 -14.61
CA ARG A 158 23.10 -26.63 -15.91
C ARG A 158 23.02 -25.12 -15.90
N ILE A 159 22.92 -24.53 -14.70
CA ILE A 159 22.74 -23.08 -14.56
C ILE A 159 23.94 -22.32 -15.11
N VAL A 160 25.10 -22.96 -15.11
CA VAL A 160 26.34 -22.30 -15.56
C VAL A 160 26.28 -21.91 -17.03
N ASP A 161 25.81 -22.84 -17.87
CA ASP A 161 25.67 -22.56 -19.31
C ASP A 161 24.66 -21.47 -19.59
N ASP A 162 23.51 -21.58 -18.95
CA ASP A 162 22.47 -20.59 -19.18
C ASP A 162 22.92 -19.22 -18.71
N PHE A 163 23.49 -19.17 -17.52
CA PHE A 163 23.99 -17.91 -17.04
C PHE A 163 25.00 -17.29 -18.00
N CYS A 164 25.89 -18.11 -18.53
CA CYS A 164 26.82 -17.61 -19.61
C CYS A 164 26.11 -17.06 -20.83
N GLU A 165 25.14 -17.79 -21.38
CA GLU A 165 24.35 -17.23 -22.48
C GLU A 165 23.74 -15.89 -22.07
N TYR A 166 23.25 -15.80 -20.85
CA TYR A 166 22.65 -14.54 -20.38
C TYR A 166 23.73 -13.46 -20.32
N ALA A 167 24.88 -13.78 -19.77
CA ALA A 167 25.92 -12.74 -19.69
C ALA A 167 26.38 -12.29 -21.07
N GLU A 168 26.46 -13.21 -22.01
CA GLU A 168 26.95 -12.87 -23.38
C GLU A 168 26.02 -11.90 -24.04
N LEU A 169 24.73 -12.19 -23.97
CA LEU A 169 23.72 -11.23 -24.44
C LEU A 169 23.94 -9.84 -23.89
N CYS A 170 24.09 -9.68 -22.58
CA CYS A 170 24.26 -8.32 -22.03
C CYS A 170 25.56 -7.66 -22.52
N PHE A 171 26.66 -8.42 -22.50
CA PHE A 171 27.94 -7.88 -23.02
C PHE A 171 27.74 -7.41 -24.44
N TRP A 172 27.07 -8.22 -25.24
CA TRP A 172 26.90 -7.88 -26.64
C TRP A 172 26.04 -6.65 -26.79
N GLU A 173 24.95 -6.55 -26.05
CA GLU A 173 24.02 -5.40 -26.23
C GLU A 173 24.48 -4.14 -25.57
N PHE A 174 25.11 -4.27 -24.40
CA PHE A 174 25.38 -3.05 -23.64
C PHE A 174 26.88 -2.71 -23.44
N GLY A 175 27.75 -3.71 -23.70
CA GLY A 175 29.18 -3.61 -23.51
C GLY A 175 29.82 -2.36 -24.09
N ASP A 176 29.31 -1.85 -25.21
CA ASP A 176 29.87 -0.68 -25.84
C ASP A 176 29.75 0.56 -24.96
N ARG A 177 28.82 0.57 -24.01
CA ARG A 177 28.62 1.79 -23.22
C ARG A 177 28.83 1.46 -21.76
N VAL A 178 28.69 0.21 -21.37
CA VAL A 178 28.86 -0.18 -19.98
C VAL A 178 30.26 -0.77 -19.83
N LYS A 179 31.00 -0.24 -18.86
CA LYS A 179 32.45 -0.50 -18.75
C LYS A 179 32.74 -1.12 -17.39
N HIS A 180 31.72 -1.25 -16.56
CA HIS A 180 31.87 -1.85 -15.25
C HIS A 180 30.78 -2.87 -14.99
N TRP A 181 31.16 -4.13 -14.85
CA TRP A 181 30.21 -5.19 -14.67
C TRP A 181 30.48 -5.92 -13.37
N MET A 182 29.44 -6.51 -12.81
CA MET A 182 29.55 -7.41 -11.70
C MET A 182 28.68 -8.58 -12.07
N THR A 183 29.13 -9.78 -11.75
CA THR A 183 28.40 -10.96 -12.09
C THR A 183 27.29 -11.13 -11.07
N LEU A 184 27.65 -11.21 -9.79
CA LEU A 184 26.68 -11.49 -8.75
C LEU A 184 26.73 -10.40 -7.70
N ASN A 185 25.62 -10.20 -7.00
CA ASN A 185 25.63 -9.37 -5.81
C ASN A 185 25.10 -10.15 -4.62
N GLN A 186 25.89 -10.23 -3.54
CA GLN A 186 25.47 -10.88 -2.29
C GLN A 186 25.08 -12.31 -2.49
N PRO A 187 25.91 -13.08 -3.21
CA PRO A 187 25.52 -14.45 -3.39
C PRO A 187 25.29 -15.17 -2.07
N TRP A 188 25.94 -14.67 -1.01
CA TRP A 188 25.82 -15.28 0.33
C TRP A 188 24.36 -15.28 0.78
N THR A 189 23.70 -14.17 0.58
CA THR A 189 22.37 -14.04 1.12
C THR A 189 21.44 -15.00 0.38
N PHE A 190 21.72 -15.14 -0.93
CA PHE A 190 20.87 -15.93 -1.79
C PHE A 190 20.99 -17.36 -1.32
N SER A 191 22.23 -17.79 -1.13
CA SER A 191 22.46 -19.17 -0.72
C SER A 191 21.94 -19.48 0.68
N VAL A 192 22.23 -18.60 1.65
CA VAL A 192 21.81 -18.85 3.03
C VAL A 192 20.28 -18.78 3.28
N HIS A 193 19.62 -17.73 2.80
CA HIS A 193 18.19 -17.60 3.08
C HIS A 193 17.27 -18.27 2.07
N GLY A 194 17.80 -18.56 0.87
CA GLY A 194 17.04 -19.32 -0.09
C GLY A 194 17.03 -20.80 0.28
N TYR A 195 18.13 -21.26 0.90
CA TYR A 195 18.37 -22.69 1.03
C TYR A 195 18.72 -23.22 2.45
N ALA A 196 19.10 -22.33 3.36
CA ALA A 196 19.37 -22.79 4.70
C ALA A 196 18.19 -22.44 5.60
N THR A 197 17.82 -21.15 5.66
CA THR A 197 16.70 -20.76 6.49
C THR A 197 15.35 -20.90 5.77
N GLY A 198 15.34 -20.73 4.44
CA GLY A 198 14.11 -20.89 3.69
C GLY A 198 13.25 -19.66 3.80
N LEU A 199 13.84 -18.51 4.15
CA LEU A 199 13.02 -17.32 4.33
C LEU A 199 12.94 -16.48 3.07
N TYR A 200 13.91 -16.66 2.19
CA TYR A 200 13.89 -15.98 0.94
C TYR A 200 13.57 -17.01 -0.17
N ALA A 201 13.25 -16.53 -1.36
CA ALA A 201 13.00 -17.42 -2.48
C ALA A 201 14.27 -18.21 -2.84
N PRO A 202 14.11 -19.49 -3.21
CA PRO A 202 12.83 -20.18 -3.42
C PRO A 202 12.23 -20.80 -2.17
N GLY A 203 12.72 -20.39 -1.01
CA GLY A 203 12.21 -20.83 0.27
C GLY A 203 12.33 -22.30 0.58
N ARG A 204 13.54 -22.85 0.59
CA ARG A 204 13.71 -24.23 0.93
C ARG A 204 14.53 -24.42 2.21
N GLY A 205 14.47 -25.61 2.79
CA GLY A 205 15.30 -25.90 3.94
C GLY A 205 14.64 -25.73 5.30
N ARG A 206 13.51 -25.03 5.37
CA ARG A 206 12.86 -24.69 6.66
C ARG A 206 11.73 -25.59 7.14
N SER A 231 11.47 -33.95 -2.78
CA SER A 231 12.02 -33.43 -1.51
C SER A 231 11.80 -31.91 -1.28
N THR A 232 11.84 -31.53 0.00
CA THR A 232 11.50 -30.18 0.43
C THR A 232 12.72 -29.24 0.62
N GLY A 233 13.93 -29.80 0.55
CA GLY A 233 15.14 -29.00 0.81
C GLY A 233 16.00 -29.62 1.90
N ASN A 234 17.26 -29.25 1.95
CA ASN A 234 18.18 -29.78 2.95
C ASN A 234 19.25 -28.75 3.36
N PRO A 235 19.05 -28.13 4.54
CA PRO A 235 19.89 -27.01 4.95
C PRO A 235 21.34 -27.42 5.18
N GLY A 236 21.59 -28.72 5.28
CA GLY A 236 22.96 -29.20 5.37
C GLY A 236 23.72 -29.40 4.06
N THR A 237 23.03 -29.42 2.92
CA THR A 237 23.68 -29.82 1.67
C THR A 237 23.48 -28.76 0.58
N GLU A 238 22.24 -28.32 0.40
CA GLU A 238 21.94 -27.41 -0.71
C GLU A 238 22.70 -26.11 -0.68
N PRO A 239 22.76 -25.44 0.48
CA PRO A 239 23.42 -24.15 0.40
C PRO A 239 24.83 -24.32 -0.10
N TYR A 240 25.45 -25.45 0.19
CA TYR A 240 26.81 -25.70 -0.30
C TYR A 240 26.85 -25.89 -1.82
N TRP A 241 25.82 -26.56 -2.37
CA TRP A 241 25.74 -26.78 -3.81
C TRP A 241 25.40 -25.52 -4.57
N VAL A 242 24.41 -24.81 -4.04
CA VAL A 242 24.01 -23.55 -4.63
C VAL A 242 25.22 -22.64 -4.72
N THR A 243 25.95 -22.53 -3.62
CA THR A 243 27.13 -21.69 -3.61
C THR A 243 28.20 -22.18 -4.59
N HIS A 244 28.39 -23.48 -4.67
CA HIS A 244 29.35 -24.03 -5.61
C HIS A 244 28.98 -23.62 -7.02
N HIS A 245 27.70 -23.70 -7.36
CA HIS A 245 27.25 -23.36 -8.71
C HIS A 245 27.32 -21.86 -8.98
N LEU A 246 27.03 -21.07 -7.93
CA LEU A 246 27.16 -19.60 -8.07
C LEU A 246 28.60 -19.26 -8.40
N LEU A 247 29.55 -19.87 -7.72
CA LEU A 247 30.96 -19.58 -8.02
C LEU A 247 31.36 -20.03 -9.42
N LEU A 248 30.85 -21.17 -9.87
CA LEU A 248 31.18 -21.63 -11.24
C LEU A 248 30.60 -20.72 -12.31
N ALA A 249 29.40 -20.23 -12.06
CA ALA A 249 28.73 -19.34 -13.01
C ALA A 249 29.49 -18.04 -13.03
N HIS A 250 29.91 -17.57 -11.85
CA HIS A 250 30.69 -16.36 -11.82
C HIS A 250 31.99 -16.50 -12.64
N ALA A 251 32.72 -17.59 -12.44
CA ALA A 251 34.01 -17.79 -13.12
C ALA A 251 33.83 -17.99 -14.63
N ALA A 252 32.82 -18.77 -14.99
CA ALA A 252 32.58 -19.02 -16.42
C ALA A 252 32.25 -17.73 -17.12
N ALA A 253 31.46 -16.86 -16.50
CA ALA A 253 31.14 -15.56 -17.12
C ALA A 253 32.33 -14.59 -17.14
N VAL A 254 33.19 -14.68 -16.15
CA VAL A 254 34.37 -13.80 -16.15
C VAL A 254 35.31 -14.25 -17.27
N GLU A 255 35.54 -15.55 -17.35
CA GLU A 255 36.34 -16.11 -18.41
C GLU A 255 35.82 -15.69 -19.78
N LEU A 256 34.50 -15.77 -19.94
CA LEU A 256 33.88 -15.38 -21.19
C LEU A 256 34.10 -13.91 -21.46
N TYR A 257 33.98 -13.08 -20.43
CA TYR A 257 34.17 -11.66 -20.70
C TYR A 257 35.61 -11.41 -21.12
N LYS A 258 36.55 -12.06 -20.44
CA LYS A 258 37.95 -11.75 -20.63
C LYS A 258 38.43 -12.25 -21.98
N ASN A 259 37.98 -13.42 -22.38
CA ASN A 259 38.41 -13.97 -23.66
C ASN A 259 37.66 -13.40 -24.84
N LYS A 260 36.44 -12.88 -24.65
CA LYS A 260 35.62 -12.54 -25.83
C LYS A 260 35.16 -11.13 -25.97
N PHE A 261 35.45 -10.30 -24.99
CA PHE A 261 34.85 -8.99 -25.00
C PHE A 261 35.80 -7.96 -24.52
N GLN A 262 36.66 -8.33 -23.59
CA GLN A 262 37.48 -7.33 -22.90
C GLN A 262 38.33 -6.56 -23.88
N ARG A 263 38.91 -7.25 -24.85
CA ARG A 263 39.72 -6.54 -25.82
C ARG A 263 38.93 -5.53 -26.63
N GLY A 264 37.81 -5.93 -27.22
CA GLY A 264 37.04 -4.97 -28.01
C GLY A 264 36.37 -3.90 -27.17
N GLN A 265 35.90 -4.25 -25.99
CA GLN A 265 35.08 -3.32 -25.24
C GLN A 265 35.81 -2.54 -24.17
N GLU A 266 36.91 -3.10 -23.68
CA GLU A 266 37.82 -2.46 -22.71
C GLU A 266 37.19 -2.06 -21.37
N GLY A 267 36.53 -3.00 -20.71
CA GLY A 267 35.84 -2.68 -19.47
C GLY A 267 36.30 -3.66 -18.44
N GLN A 268 35.69 -3.62 -17.27
CA GLN A 268 36.10 -4.50 -16.21
C GLN A 268 34.96 -5.22 -15.57
N ILE A 269 35.30 -6.28 -14.87
CA ILE A 269 34.27 -7.14 -14.35
C ILE A 269 34.71 -7.65 -13.00
N GLY A 270 33.81 -7.65 -12.03
CA GLY A 270 34.06 -8.27 -10.75
C GLY A 270 32.78 -8.80 -10.11
N ILE A 271 32.70 -8.70 -8.80
CA ILE A 271 31.65 -9.33 -8.03
C ILE A 271 31.57 -8.66 -6.65
N SER A 272 30.48 -8.92 -5.94
CA SER A 272 30.00 -8.09 -4.85
C SER A 272 29.53 -8.95 -3.67
N HIS A 273 30.23 -8.86 -2.52
CA HIS A 273 29.98 -9.82 -1.44
C HIS A 273 29.41 -9.19 -0.19
N ALA A 274 28.58 -9.96 0.50
CA ALA A 274 27.98 -9.52 1.73
C ALA A 274 29.05 -9.66 2.79
N THR A 275 29.25 -8.61 3.58
CA THR A 275 30.14 -8.77 4.72
C THR A 275 29.53 -8.21 5.98
N GLN A 276 29.99 -8.73 7.10
CA GLN A 276 29.61 -8.18 8.40
C GLN A 276 30.83 -8.32 9.27
N TRP A 277 31.13 -7.31 10.08
CA TRP A 277 32.30 -7.40 10.94
C TRP A 277 32.09 -8.31 12.13
N MET A 278 33.01 -9.25 12.32
CA MET A 278 32.95 -10.22 13.39
C MET A 278 34.04 -9.91 14.42
N GLU A 279 33.63 -9.57 15.63
CA GLU A 279 34.54 -9.18 16.71
C GLU A 279 34.45 -10.19 17.87
N PRO A 280 35.61 -10.71 18.34
CA PRO A 280 35.64 -11.69 19.45
C PRO A 280 35.02 -11.15 20.73
N TRP A 281 34.01 -11.85 21.26
CA TRP A 281 33.27 -11.38 22.44
C TRP A 281 34.27 -10.95 23.49
N ASP A 282 35.24 -11.81 23.74
CA ASP A 282 36.31 -11.59 24.70
C ASP A 282 37.61 -11.35 23.95
N GLU A 283 38.05 -10.09 23.91
CA GLU A 283 39.28 -9.73 23.24
C GLU A 283 40.43 -10.69 23.55
N ASN A 284 40.41 -11.23 24.77
CA ASN A 284 41.49 -12.09 25.29
C ASN A 284 41.41 -13.55 24.84
N SER A 285 40.29 -14.22 25.16
CA SER A 285 40.08 -15.61 24.76
C SER A 285 40.54 -15.89 23.31
N ALA A 286 41.65 -16.61 23.16
CA ALA A 286 42.16 -16.96 21.82
C ALA A 286 41.18 -17.90 21.11
N SER A 287 40.32 -18.53 21.91
CA SER A 287 39.21 -19.32 21.42
C SER A 287 38.15 -18.44 20.77
N ASP A 288 37.98 -17.23 21.29
CA ASP A 288 37.02 -16.31 20.72
C ASP A 288 37.57 -15.69 19.46
N VAL A 289 38.87 -15.45 19.44
CA VAL A 289 39.52 -14.86 18.29
C VAL A 289 39.33 -15.77 17.08
N GLU A 290 39.18 -17.06 17.37
CA GLU A 290 39.10 -18.07 16.33
C GLU A 290 37.67 -18.23 15.85
N ALA A 291 36.73 -18.17 16.78
CA ALA A 291 35.33 -18.15 16.41
C ALA A 291 35.13 -17.02 15.42
N ALA A 292 35.71 -15.87 15.74
CA ALA A 292 35.58 -14.70 14.90
C ALA A 292 36.18 -14.94 13.51
N ALA A 293 37.31 -15.60 13.44
CA ALA A 293 37.96 -15.82 12.15
C ALA A 293 37.19 -16.87 11.35
N ARG A 294 36.60 -17.81 12.07
CA ARG A 294 35.82 -18.84 11.41
C ARG A 294 34.49 -18.26 10.92
N ALA A 295 33.96 -17.26 11.63
CA ALA A 295 32.71 -16.68 11.18
C ALA A 295 32.99 -15.93 9.89
N LEU A 296 34.03 -15.12 9.86
CA LEU A 296 34.42 -14.51 8.61
C LEU A 296 34.60 -15.57 7.52
N ASP A 297 35.15 -16.72 7.87
CA ASP A 297 35.42 -17.75 6.88
C ASP A 297 34.13 -18.22 6.20
N PHE A 298 33.16 -18.55 7.05
CA PHE A 298 31.92 -19.13 6.60
C PHE A 298 31.05 -18.11 5.86
N MET A 299 31.34 -16.82 6.03
CA MET A 299 30.53 -15.82 5.36
C MET A 299 31.20 -15.27 4.12
N LEU A 300 32.40 -14.72 4.31
CA LEU A 300 33.17 -14.07 3.24
C LEU A 300 34.23 -14.99 2.58
N GLY A 301 34.87 -15.85 3.35
CA GLY A 301 35.93 -16.69 2.79
C GLY A 301 35.34 -17.74 1.87
N TRP A 302 34.15 -18.20 2.25
CA TRP A 302 33.34 -19.09 1.43
C TRP A 302 33.41 -18.73 -0.06
N PHE A 303 33.37 -17.43 -0.36
CA PHE A 303 33.38 -16.91 -1.70
C PHE A 303 34.72 -16.30 -2.12
N MET A 304 35.45 -15.73 -1.15
CA MET A 304 36.70 -15.04 -1.45
C MET A 304 37.88 -16.01 -1.64
N GLU A 305 37.95 -17.08 -0.86
CA GLU A 305 39.07 -18.00 -1.01
C GLU A 305 39.12 -18.64 -2.42
N PRO A 306 37.96 -19.19 -2.90
CA PRO A 306 37.91 -19.83 -4.22
C PRO A 306 38.38 -18.91 -5.31
N ILE A 307 38.03 -17.63 -5.27
CA ILE A 307 38.52 -16.76 -6.30
C ILE A 307 39.95 -16.27 -6.02
N THR A 308 40.49 -16.61 -4.87
CA THR A 308 41.84 -16.17 -4.57
C THR A 308 42.82 -17.30 -4.86
N SER A 309 42.53 -18.47 -4.30
CA SER A 309 43.44 -19.57 -4.38
C SER A 309 42.77 -20.74 -5.07
N GLY A 310 41.49 -20.60 -5.39
CA GLY A 310 40.78 -21.65 -6.11
C GLY A 310 40.41 -22.81 -5.24
N ASP A 311 40.30 -22.59 -3.94
CA ASP A 311 39.72 -23.59 -3.06
C ASP A 311 38.97 -22.92 -1.89
N TYR A 312 38.18 -23.70 -1.17
CA TYR A 312 37.41 -23.18 -0.05
C TYR A 312 38.34 -23.04 1.12
N PRO A 313 37.94 -22.30 2.17
CA PRO A 313 38.84 -22.12 3.30
C PRO A 313 39.01 -23.38 4.15
N LYS A 314 40.20 -23.52 4.73
CA LYS A 314 40.54 -24.69 5.53
C LYS A 314 39.50 -25.00 6.58
N SER A 315 39.00 -23.99 7.28
CA SER A 315 38.07 -24.26 8.38
C SER A 315 36.77 -24.86 7.88
N MET A 316 36.35 -24.48 6.68
CA MET A 316 35.12 -25.03 6.13
C MET A 316 35.27 -26.48 5.71
N LYS A 317 36.42 -26.82 5.13
CA LYS A 317 36.71 -28.23 4.87
C LYS A 317 36.67 -29.03 6.16
N LYS A 318 37.20 -28.42 7.21
CA LYS A 318 37.30 -29.08 8.49
C LYS A 318 35.94 -29.35 9.09
N PHE A 319 35.11 -28.32 9.19
CA PHE A 319 33.84 -28.44 9.90
C PHE A 319 32.72 -28.98 9.03
N VAL A 320 32.80 -28.78 7.72
CA VAL A 320 31.75 -29.29 6.84
C VAL A 320 32.09 -30.68 6.36
N GLY A 321 33.38 -30.93 6.13
CA GLY A 321 33.84 -32.25 5.76
C GLY A 321 33.35 -32.67 4.39
N SER A 322 32.89 -33.90 4.27
CA SER A 322 32.53 -34.47 2.97
C SER A 322 31.28 -33.85 2.34
N ARG A 323 30.50 -33.12 3.13
CA ARG A 323 29.35 -32.43 2.57
C ARG A 323 29.75 -31.23 1.70
N LEU A 324 31.04 -30.93 1.64
CA LEU A 324 31.47 -29.73 0.94
C LEU A 324 32.05 -30.10 -0.44
N PRO A 325 31.47 -29.61 -1.52
CA PRO A 325 31.90 -30.15 -2.81
C PRO A 325 33.32 -29.76 -3.12
N LYS A 326 33.90 -30.44 -4.10
CA LYS A 326 35.27 -30.21 -4.51
C LYS A 326 35.33 -29.60 -5.89
N PHE A 327 36.39 -28.85 -6.16
CA PHE A 327 36.60 -28.29 -7.47
C PHE A 327 37.55 -29.15 -8.28
N SER A 328 37.18 -29.51 -9.50
CA SER A 328 38.14 -30.19 -10.36
C SER A 328 39.33 -29.24 -10.50
N PRO A 329 40.49 -29.78 -10.88
CA PRO A 329 41.63 -28.89 -10.93
C PRO A 329 41.48 -27.83 -12.01
N GLU A 330 40.66 -28.08 -13.02
CA GLU A 330 40.55 -27.06 -14.05
C GLU A 330 39.52 -25.99 -13.66
N GLN A 331 38.63 -26.34 -12.74
CA GLN A 331 37.73 -25.34 -12.20
C GLN A 331 38.50 -24.37 -11.35
N SER A 332 39.38 -24.91 -10.51
CA SER A 332 40.21 -24.04 -9.67
C SER A 332 41.04 -23.08 -10.49
N LYS A 333 41.55 -23.54 -11.63
CA LYS A 333 42.33 -22.65 -12.49
C LYS A 333 41.45 -21.53 -13.04
N MET A 334 40.20 -21.86 -13.32
CA MET A 334 39.24 -20.88 -13.82
C MET A 334 38.81 -19.89 -12.73
N LEU A 335 38.61 -20.37 -11.51
CA LEU A 335 38.22 -19.50 -10.39
C LEU A 335 39.33 -18.57 -9.92
N LYS A 336 40.55 -19.08 -9.91
CA LYS A 336 41.67 -18.36 -9.29
C LYS A 336 41.83 -17.04 -10.00
N GLY A 337 41.72 -15.94 -9.27
CA GLY A 337 41.98 -14.61 -9.86
C GLY A 337 40.95 -14.17 -10.88
N SER A 338 39.72 -14.66 -10.75
CA SER A 338 38.66 -14.35 -11.70
C SER A 338 37.90 -13.08 -11.35
N TYR A 339 38.59 -11.96 -11.39
CA TYR A 339 37.96 -10.67 -11.15
C TYR A 339 38.94 -9.58 -11.46
N ASP A 340 38.39 -8.39 -11.79
CA ASP A 340 39.17 -7.18 -11.98
C ASP A 340 39.05 -6.29 -10.78
N PHE A 341 38.03 -6.54 -9.97
CA PHE A 341 37.83 -5.80 -8.76
C PHE A 341 36.79 -6.53 -7.95
N VAL A 342 36.67 -6.17 -6.68
CA VAL A 342 35.74 -6.80 -5.79
C VAL A 342 35.01 -5.69 -5.05
N GLY A 343 33.70 -5.87 -4.84
CA GLY A 343 32.92 -4.90 -4.11
C GLY A 343 32.48 -5.55 -2.82
N LEU A 344 32.46 -4.78 -1.74
CA LEU A 344 31.99 -5.29 -0.45
C LEU A 344 30.76 -4.54 0.04
N ASN A 345 29.81 -5.25 0.60
CA ASN A 345 28.63 -4.62 1.14
C ASN A 345 28.70 -4.65 2.65
N TYR A 346 28.65 -3.50 3.30
CA TYR A 346 28.77 -3.50 4.74
C TYR A 346 27.60 -2.83 5.46
N TYR A 347 27.08 -3.45 6.49
CA TYR A 347 26.02 -2.79 7.22
C TYR A 347 26.27 -2.68 8.73
N THR A 348 26.75 -3.75 9.34
CA THR A 348 26.75 -3.90 10.79
C THR A 348 27.83 -4.88 11.25
N ALA A 349 27.79 -5.26 12.52
CA ALA A 349 28.91 -5.98 13.13
C ALA A 349 28.39 -6.82 14.26
N SER A 350 29.19 -7.76 14.73
CA SER A 350 28.77 -8.63 15.79
C SER A 350 29.93 -9.12 16.64
N TYR A 351 29.61 -9.56 17.86
CA TYR A 351 30.56 -10.31 18.68
C TYR A 351 30.38 -11.80 18.42
N VAL A 352 31.49 -12.53 18.48
CA VAL A 352 31.45 -13.97 18.25
C VAL A 352 32.15 -14.80 19.33
N THR A 353 31.49 -15.88 19.74
CA THR A 353 32.09 -16.83 20.67
C THR A 353 31.85 -18.25 20.16
N ASN A 354 32.48 -19.25 20.76
CA ASN A 354 32.22 -20.64 20.36
C ASN A 354 30.84 -21.13 20.74
N ALA A 355 30.45 -22.26 20.17
CA ALA A 355 29.16 -22.87 20.52
C ALA A 355 29.34 -24.14 21.37
N SER A 356 28.26 -24.65 21.95
CA SER A 356 28.28 -25.98 22.58
C SER A 356 29.40 -26.88 22.03
N ASN A 364 19.31 -33.27 11.27
CA ASN A 364 20.68 -33.33 11.74
C ASN A 364 21.52 -32.09 11.34
N PHE A 365 22.20 -32.14 10.19
CA PHE A 365 23.12 -31.06 9.81
C PHE A 365 22.47 -29.80 9.27
N SER A 366 23.18 -28.68 9.37
CA SER A 366 22.70 -27.40 8.89
C SER A 366 23.86 -26.43 8.67
N TYR A 367 23.80 -25.66 7.60
CA TYR A 367 24.84 -24.68 7.40
C TYR A 367 24.97 -23.83 8.66
N ASN A 368 23.85 -23.51 9.28
CA ASN A 368 23.87 -22.63 10.44
C ASN A 368 24.70 -23.20 11.57
N THR A 369 24.48 -24.46 11.91
CA THR A 369 25.19 -25.04 13.01
C THR A 369 26.63 -25.38 12.62
N ASP A 370 26.88 -25.68 11.35
CA ASP A 370 28.23 -26.00 10.91
C ASP A 370 29.26 -24.94 11.36
N ILE A 371 28.87 -23.69 11.44
CA ILE A 371 29.83 -22.62 11.75
C ILE A 371 30.39 -22.78 13.16
N HIS A 372 29.60 -23.42 14.02
CA HIS A 372 29.94 -23.62 15.43
C HIS A 372 30.41 -22.33 16.07
N VAL A 373 29.57 -21.30 16.00
CA VAL A 373 29.82 -20.08 16.74
C VAL A 373 28.49 -19.60 17.27
N THR A 374 28.57 -18.58 18.12
CA THR A 374 27.40 -17.96 18.70
C THR A 374 27.57 -16.47 18.54
N TYR A 375 26.48 -15.79 18.20
CA TYR A 375 26.55 -14.34 18.01
C TYR A 375 26.13 -13.54 19.24
N GLU A 376 26.97 -12.59 19.63
CA GLU A 376 26.63 -11.75 20.75
C GLU A 376 26.59 -10.32 20.30
N THR A 377 25.62 -9.58 20.82
CA THR A 377 25.54 -8.14 20.60
C THR A 377 26.03 -7.33 21.80
N ASP A 378 25.90 -7.89 23.01
CA ASP A 378 26.24 -7.17 24.25
C ASP A 378 27.52 -7.63 24.93
N ARG A 379 28.37 -6.67 25.23
CA ARG A 379 29.57 -6.90 26.04
C ARG A 379 29.31 -6.39 27.45
N ASN A 380 28.39 -7.05 28.16
CA ASN A 380 28.04 -6.63 29.52
C ASN A 380 26.88 -5.64 29.54
N GLY A 381 25.91 -5.83 28.65
CA GLY A 381 24.85 -4.83 28.49
C GLY A 381 25.41 -3.60 27.80
N VAL A 382 26.66 -3.69 27.35
CA VAL A 382 27.22 -2.65 26.49
C VAL A 382 27.14 -3.11 25.01
N PRO A 383 26.00 -2.80 24.34
CA PRO A 383 25.74 -3.10 22.93
C PRO A 383 26.90 -2.65 22.06
N ILE A 384 27.32 -3.48 21.12
CA ILE A 384 28.42 -3.12 20.22
C ILE A 384 28.18 -1.78 19.54
N GLY A 385 26.91 -1.37 19.43
CA GLY A 385 26.52 -0.10 18.82
C GLY A 385 25.01 0.08 18.93
N PRO A 386 24.52 1.31 18.71
CA PRO A 386 23.07 1.58 18.79
C PRO A 386 22.25 1.00 17.63
N GLN A 387 20.95 0.88 17.86
CA GLN A 387 20.03 0.37 16.87
C GLN A 387 19.57 1.42 15.86
N SER A 388 19.52 1.01 14.60
CA SER A 388 18.81 1.77 13.59
C SER A 388 17.34 1.40 13.73
N GLY A 389 16.59 1.49 12.64
CA GLY A 389 15.18 1.13 12.67
C GLY A 389 14.99 -0.38 12.76
N SER A 390 16.02 -1.14 12.42
CA SER A 390 15.93 -2.61 12.39
C SER A 390 16.74 -3.20 13.50
N ASP A 391 16.19 -4.17 14.21
CA ASP A 391 16.94 -4.64 15.36
C ASP A 391 18.09 -5.57 14.99
N TRP A 392 18.18 -5.96 13.72
CA TRP A 392 19.36 -6.72 13.27
C TRP A 392 20.52 -5.78 12.97
N LEU A 393 20.23 -4.49 12.82
CA LEU A 393 21.29 -3.57 12.37
C LEU A 393 21.81 -2.65 13.49
N LEU A 394 23.03 -2.91 13.95
CA LEU A 394 23.66 -2.10 14.99
C LEU A 394 24.75 -1.26 14.39
N ILE A 395 24.66 0.04 14.60
CA ILE A 395 25.58 1.00 14.01
C ILE A 395 26.96 0.90 14.65
N TYR A 396 27.97 0.58 13.84
CA TYR A 396 29.31 0.39 14.32
C TYR A 396 30.25 0.72 13.17
N PRO A 397 30.41 2.02 12.90
CA PRO A 397 31.19 2.54 11.78
C PRO A 397 32.58 1.95 11.61
N GLU A 398 33.26 1.53 12.68
CA GLU A 398 34.66 1.07 12.56
C GLU A 398 34.73 -0.28 11.88
N GLY A 399 33.61 -1.00 11.94
CA GLY A 399 33.47 -2.29 11.28
C GLY A 399 33.87 -2.21 9.81
N ILE A 400 33.46 -1.15 9.15
CA ILE A 400 33.76 -1.03 7.75
C ILE A 400 35.26 -0.85 7.52
N ARG A 401 35.91 -0.12 8.43
CA ARG A 401 37.36 0.02 8.34
C ARG A 401 38.05 -1.32 8.52
N LYS A 402 37.60 -2.08 9.50
CA LYS A 402 38.25 -3.35 9.73
C LYS A 402 38.02 -4.35 8.61
N ILE A 403 36.77 -4.45 8.14
CA ILE A 403 36.42 -5.40 7.09
C ILE A 403 37.26 -5.09 5.86
N LEU A 404 37.44 -3.80 5.60
CA LEU A 404 38.25 -3.39 4.46
C LEU A 404 39.69 -3.85 4.63
N VAL A 405 40.27 -3.57 5.80
CA VAL A 405 41.69 -3.86 6.02
C VAL A 405 41.88 -5.38 6.02
N TYR A 406 40.97 -6.06 6.71
CA TYR A 406 40.99 -7.51 6.75
C TYR A 406 40.99 -8.18 5.36
N THR A 407 40.24 -7.61 4.42
CA THR A 407 40.14 -8.19 3.08
C THR A 407 41.42 -7.97 2.29
N LYS A 408 42.00 -6.80 2.43
CA LYS A 408 43.23 -6.51 1.71
C LYS A 408 44.29 -7.47 2.17
N LYS A 409 44.33 -7.68 3.48
CA LYS A 409 45.40 -8.49 4.03
C LYS A 409 45.17 -9.98 3.83
N THR A 410 44.00 -10.46 4.21
CA THR A 410 43.71 -11.89 4.10
C THR A 410 43.67 -12.39 2.66
N TYR A 411 43.24 -11.54 1.72
CA TYR A 411 43.02 -12.01 0.34
C TYR A 411 43.81 -11.28 -0.72
N ASN A 412 44.26 -10.08 -0.40
CA ASN A 412 45.22 -9.45 -1.28
C ASN A 412 44.57 -8.86 -2.50
N VAL A 413 43.40 -8.29 -2.33
CA VAL A 413 42.67 -7.70 -3.42
C VAL A 413 43.32 -6.37 -3.78
N PRO A 414 43.68 -6.21 -5.05
CA PRO A 414 44.35 -5.01 -5.54
C PRO A 414 43.45 -3.80 -5.56
N LEU A 415 42.14 -4.03 -5.60
CA LEU A 415 41.23 -2.97 -6.03
C LEU A 415 39.82 -3.25 -5.51
N ILE A 416 39.26 -2.30 -4.77
CA ILE A 416 38.06 -2.54 -4.01
C ILE A 416 37.13 -1.35 -4.10
N TYR A 417 35.82 -1.64 -4.16
CA TYR A 417 34.75 -0.62 -4.10
C TYR A 417 33.88 -1.01 -2.94
N VAL A 418 33.37 -0.04 -2.21
CA VAL A 418 32.28 -0.32 -1.30
C VAL A 418 31.00 -0.23 -2.13
N THR A 419 30.40 -1.37 -2.42
CA THR A 419 29.25 -1.39 -3.34
C THR A 419 27.91 -1.17 -2.66
N GLU A 420 27.85 -1.34 -1.33
CA GLU A 420 26.64 -1.11 -0.54
C GLU A 420 26.97 -0.67 0.89
N ASN A 421 26.25 0.33 1.37
CA ASN A 421 26.33 0.73 2.75
C ASN A 421 25.20 1.71 3.00
N GLY A 422 24.44 1.52 4.08
CA GLY A 422 23.38 2.46 4.42
C GLY A 422 22.56 1.93 5.57
N VAL A 423 21.47 2.61 5.90
CA VAL A 423 20.69 2.31 7.11
C VAL A 423 19.21 2.66 6.89
N ASP A 424 18.32 2.11 7.69
CA ASP A 424 16.88 2.39 7.51
C ASP A 424 16.35 3.44 8.48
N ASP A 425 15.35 4.20 8.05
CA ASP A 425 14.59 5.10 8.93
C ASP A 425 13.84 4.30 10.01
N VAL A 426 13.59 4.93 11.15
CA VAL A 426 12.68 4.34 12.13
C VAL A 426 11.30 4.23 11.49
N LYS A 427 10.64 3.09 11.63
CA LYS A 427 9.24 2.97 11.14
C LYS A 427 8.34 4.06 11.73
N ASN A 428 7.54 4.71 10.88
CA ASN A 428 6.58 5.68 11.38
C ASN A 428 5.62 6.32 10.36
N THR A 429 4.45 5.72 10.21
CA THR A 429 3.45 6.23 9.28
C THR A 429 2.70 7.43 9.83
N ASN A 430 3.28 8.11 10.82
CA ASN A 430 2.61 9.24 11.45
C ASN A 430 3.23 10.59 11.13
N LEU A 431 4.43 10.56 10.58
CA LEU A 431 5.10 11.78 10.17
C LEU A 431 4.59 12.28 8.82
N THR A 432 4.39 13.59 8.71
CA THR A 432 4.17 14.23 7.43
C THR A 432 5.51 14.33 6.72
N LEU A 433 5.47 14.68 5.44
CA LEU A 433 6.69 14.64 4.65
C LEU A 433 7.84 15.53 5.17
N SER A 434 7.55 16.75 5.64
CA SER A 434 8.63 17.61 6.18
C SER A 434 9.37 16.94 7.32
N GLU A 435 8.65 16.17 8.14
CA GLU A 435 9.28 15.45 9.23
C GLU A 435 9.99 14.18 8.76
N ALA A 436 9.31 13.43 7.90
CA ALA A 436 9.87 12.17 7.41
C ALA A 436 11.19 12.40 6.71
N ARG A 437 11.37 13.52 6.03
CA ARG A 437 12.57 13.67 5.19
C ARG A 437 13.81 14.07 5.98
N LYS A 438 13.63 14.24 7.29
CA LYS A 438 14.69 14.68 8.18
C LYS A 438 15.40 13.47 8.69
N ASP A 439 16.40 12.99 7.95
CA ASP A 439 16.95 11.70 8.28
C ASP A 439 18.35 11.81 8.88
N SER A 440 18.42 12.41 10.08
CA SER A 440 19.67 12.68 10.80
C SER A 440 20.47 11.45 11.04
N MET A 441 19.79 10.42 11.52
CA MET A 441 20.50 9.20 11.78
C MET A 441 21.21 8.64 10.52
N ARG A 442 20.54 8.67 9.36
CA ARG A 442 21.18 8.15 8.13
C ARG A 442 22.29 9.08 7.76
N LEU A 443 22.03 10.37 7.92
CA LEU A 443 23.06 11.37 7.64
C LEU A 443 24.34 11.12 8.43
N LYS A 444 24.19 10.84 9.72
CA LYS A 444 25.37 10.64 10.56
C LYS A 444 26.03 9.30 10.22
N TYR A 445 25.17 8.34 9.90
CA TYR A 445 25.62 7.01 9.55
C TYR A 445 26.52 7.02 8.31
N LEU A 446 26.16 7.84 7.33
CA LEU A 446 26.96 7.96 6.11
C LEU A 446 28.26 8.70 6.39
N GLN A 447 28.15 9.85 7.05
CA GLN A 447 29.34 10.58 7.53
C GLN A 447 30.36 9.67 8.20
N ASP A 448 29.96 8.92 9.24
CA ASP A 448 30.90 8.06 9.95
C ASP A 448 31.49 6.93 9.11
N HIS A 449 30.65 6.33 8.27
CA HIS A 449 31.13 5.22 7.47
C HIS A 449 32.03 5.71 6.34
N ILE A 450 31.65 6.83 5.73
CA ILE A 450 32.51 7.36 4.70
C ILE A 450 33.88 7.76 5.29
N PHE A 451 33.83 8.41 6.46
CA PHE A 451 35.03 8.78 7.18
C PHE A 451 35.95 7.58 7.35
N ASN A 452 35.37 6.50 7.87
CA ASN A 452 36.14 5.29 8.04
C ASN A 452 36.69 4.71 6.76
N VAL A 453 36.00 4.92 5.65
CA VAL A 453 36.55 4.45 4.39
C VAL A 453 37.84 5.18 4.11
N ARG A 454 37.81 6.49 4.28
CA ARG A 454 39.01 7.32 4.21
C ARG A 454 40.13 6.74 5.07
N GLN A 455 39.82 6.35 6.30
CA GLN A 455 40.82 5.74 7.15
C GLN A 455 41.47 4.55 6.46
N ALA A 456 40.64 3.57 6.10
CA ALA A 456 41.14 2.35 5.48
C ALA A 456 42.10 2.65 4.33
N MET A 457 41.88 3.79 3.67
CA MET A 457 42.76 4.14 2.57
C MET A 457 44.12 4.62 3.08
N ASN A 458 44.11 5.43 4.14
CA ASN A 458 45.37 5.74 4.82
C ASN A 458 46.02 4.46 5.27
N ASP A 459 45.24 3.50 5.77
CA ASP A 459 45.79 2.21 6.15
C ASP A 459 46.35 1.38 5.01
N GLY A 460 46.25 1.87 3.77
CA GLY A 460 46.86 1.17 2.64
C GLY A 460 45.89 0.42 1.74
N VAL A 461 44.59 0.46 2.05
CA VAL A 461 43.63 -0.25 1.24
C VAL A 461 43.32 0.57 0.01
N ASN A 462 43.40 -0.05 -1.16
CA ASN A 462 43.10 0.67 -2.40
C ASN A 462 41.59 0.62 -2.72
N VAL A 463 40.87 1.60 -2.20
CA VAL A 463 39.42 1.69 -2.34
C VAL A 463 39.11 2.70 -3.41
N LYS A 464 38.43 2.28 -4.48
CA LYS A 464 38.22 3.18 -5.63
C LYS A 464 36.91 3.91 -5.63
N GLY A 465 35.97 3.47 -4.80
CA GLY A 465 34.69 4.13 -4.75
C GLY A 465 33.75 3.56 -3.72
N TYR A 466 32.66 4.29 -3.52
CA TYR A 466 31.74 3.97 -2.46
C TYR A 466 30.31 4.23 -2.95
N PHE A 467 29.46 3.20 -2.87
CA PHE A 467 28.07 3.40 -3.27
C PHE A 467 27.11 3.39 -2.08
N ALA A 468 26.40 4.49 -1.87
CA ALA A 468 25.41 4.47 -0.81
C ALA A 468 24.23 3.55 -1.22
N TRP A 469 23.68 2.82 -0.27
CA TRP A 469 22.50 1.98 -0.50
C TRP A 469 21.38 2.42 0.43
N SER A 470 20.21 2.76 -0.14
CA SER A 470 19.95 2.74 -1.58
C SER A 470 19.51 4.05 -2.13
N LEU A 471 19.28 4.16 -3.42
CA LEU A 471 18.78 5.40 -3.96
C LEU A 471 17.33 5.69 -3.51
N LEU A 472 16.50 4.65 -3.43
CA LEU A 472 15.06 4.89 -3.23
C LEU A 472 14.51 4.04 -2.13
N ASP A 473 13.53 4.51 -1.38
CA ASP A 473 12.79 3.51 -0.59
C ASP A 473 12.17 2.54 -1.62
N ASN A 474 12.20 1.27 -1.28
CA ASN A 474 11.77 0.28 -2.25
C ASN A 474 11.42 -1.02 -1.53
N PHE A 475 11.10 -2.06 -2.31
CA PHE A 475 10.71 -3.35 -1.76
C PHE A 475 11.87 -4.01 -1.05
N GLU A 476 11.66 -4.51 0.16
CA GLU A 476 12.75 -5.00 1.00
C GLU A 476 12.52 -6.47 1.35
N TRP A 477 12.14 -7.20 0.31
CA TRP A 477 12.05 -8.64 0.40
C TRP A 477 11.04 -9.07 1.48
N GLY A 478 11.43 -9.97 2.38
CA GLY A 478 10.61 -10.38 3.53
C GLY A 478 9.93 -9.24 4.30
N GLU A 479 10.57 -8.07 4.29
CA GLU A 479 10.09 -6.90 5.04
C GLU A 479 9.15 -6.03 4.27
N GLY A 480 8.91 -6.39 3.00
CA GLY A 480 7.93 -5.68 2.18
C GLY A 480 8.27 -4.22 1.98
N TYR A 481 7.27 -3.34 2.11
CA TYR A 481 7.50 -1.90 1.97
C TYR A 481 7.65 -1.20 3.31
N GLY A 482 7.71 -1.98 4.39
CA GLY A 482 7.73 -1.41 5.74
C GLY A 482 9.02 -0.72 6.18
N VAL A 483 10.12 -1.02 5.49
CA VAL A 483 11.43 -0.56 5.87
C VAL A 483 12.00 0.31 4.77
N ARG A 484 12.30 1.57 5.09
CA ARG A 484 12.86 2.53 4.16
C ARG A 484 14.38 2.71 4.22
N PHE A 485 15.09 2.44 3.13
CA PHE A 485 16.55 2.55 3.09
C PHE A 485 17.03 3.62 2.17
N GLY A 486 16.13 4.31 1.49
CA GLY A 486 16.58 5.22 0.43
C GLY A 486 17.05 6.57 0.96
N ILE A 487 17.81 7.29 0.11
CA ILE A 487 18.12 8.67 0.40
C ILE A 487 17.10 9.53 -0.29
N ILE A 488 16.22 8.88 -1.06
CA ILE A 488 15.08 9.57 -1.68
C ILE A 488 13.78 9.02 -1.11
N HIS A 489 12.94 9.88 -0.57
CA HIS A 489 11.74 9.39 0.06
C HIS A 489 10.77 8.98 -1.03
N ILE A 490 9.99 7.94 -0.79
CA ILE A 490 8.90 7.57 -1.70
C ILE A 490 7.56 7.65 -1.01
N ASP A 491 6.62 8.31 -1.65
CA ASP A 491 5.28 8.38 -1.12
C ASP A 491 4.38 7.29 -1.73
N TYR A 492 4.25 6.19 -1.00
CA TYR A 492 3.43 5.08 -1.43
C TYR A 492 1.94 5.43 -1.58
N ASN A 493 1.49 6.54 -1.05
CA ASN A 493 0.07 6.87 -1.17
C ASN A 493 -0.26 7.61 -2.42
N ASP A 494 0.77 8.16 -3.06
CA ASP A 494 0.58 9.04 -4.22
C ASP A 494 1.52 8.70 -5.40
N ASN A 495 1.35 7.52 -5.99
CA ASN A 495 2.16 7.10 -7.14
C ASN A 495 3.67 7.13 -6.92
N PHE A 496 4.13 6.81 -5.73
CA PHE A 496 5.56 6.66 -5.59
C PHE A 496 6.28 7.95 -5.91
N ALA A 497 5.63 9.07 -5.57
CA ALA A 497 6.26 10.40 -5.66
C ALA A 497 7.60 10.36 -4.93
N ARG A 498 8.60 10.95 -5.58
CA ARG A 498 9.98 10.97 -5.11
C ARG A 498 10.26 12.29 -4.45
N TYR A 499 10.92 12.26 -3.30
CA TYR A 499 11.40 13.52 -2.71
C TYR A 499 12.73 13.29 -1.97
N PRO A 500 13.71 14.17 -2.19
CA PRO A 500 15.00 13.94 -1.48
C PRO A 500 14.90 14.11 0.05
N LYS A 501 15.53 13.20 0.77
CA LYS A 501 15.76 13.32 2.21
C LYS A 501 17.01 14.21 2.41
N ASP A 502 17.28 14.63 3.65
CA ASP A 502 18.41 15.51 3.94
C ASP A 502 19.70 14.88 3.51
N SER A 503 19.83 13.58 3.75
CA SER A 503 21.02 12.85 3.31
C SER A 503 21.36 13.06 1.85
N ALA A 504 20.33 13.10 1.01
CA ALA A 504 20.53 13.26 -0.42
C ALA A 504 21.09 14.65 -0.66
N VAL A 505 20.43 15.66 -0.08
CA VAL A 505 20.91 17.03 -0.21
C VAL A 505 22.37 17.13 0.26
N TRP A 506 22.67 16.49 1.37
CA TRP A 506 24.03 16.49 1.92
C TRP A 506 25.10 15.86 0.98
N LEU A 507 24.80 14.69 0.42
CA LEU A 507 25.69 14.07 -0.54
C LEU A 507 25.89 14.92 -1.78
N MET A 508 24.84 15.60 -2.22
CA MET A 508 25.03 16.41 -3.39
C MET A 508 26.04 17.50 -3.02
N ASN A 509 25.76 18.21 -1.93
CA ASN A 509 26.58 19.37 -1.54
C ASN A 509 28.04 18.98 -1.21
N SER A 510 28.22 17.90 -0.49
CA SER A 510 29.57 17.54 -0.10
C SER A 510 30.36 16.84 -1.18
N PHE A 511 29.69 16.14 -2.08
CA PHE A 511 30.39 15.27 -3.01
C PHE A 511 30.13 15.55 -4.49
N HIS A 512 29.48 16.65 -4.80
CA HIS A 512 29.14 16.90 -6.19
C HIS A 512 30.34 16.86 -7.13
N LYS A 513 30.33 15.89 -8.04
CA LYS A 513 31.11 16.03 -9.28
C LYS A 513 31.04 14.76 -10.15
N ASN B 12 -39.35 -18.65 0.52
CA ASN B 12 -39.33 -18.95 1.99
C ASN B 12 -37.98 -19.48 2.50
N ASP B 13 -37.05 -19.65 1.58
CA ASP B 13 -35.68 -20.03 1.89
C ASP B 13 -34.73 -19.02 1.22
N ALA B 14 -33.99 -18.26 2.03
CA ALA B 14 -33.19 -17.13 1.54
C ALA B 14 -32.18 -17.46 0.42
N THR B 15 -31.58 -18.65 0.45
CA THR B 15 -30.60 -19.01 -0.59
C THR B 15 -31.21 -19.15 -1.98
N ARG B 16 -32.53 -19.20 -2.08
CA ARG B 16 -33.15 -19.34 -3.39
C ARG B 16 -33.71 -18.01 -3.90
N ILE B 17 -33.57 -16.96 -3.11
CA ILE B 17 -34.13 -15.66 -3.47
C ILE B 17 -33.54 -15.20 -4.81
N SER B 18 -34.32 -14.48 -5.60
CA SER B 18 -33.86 -14.08 -6.92
C SER B 18 -34.74 -12.98 -7.48
N ARG B 19 -34.45 -12.56 -8.71
CA ARG B 19 -35.16 -11.42 -9.28
C ARG B 19 -36.67 -11.66 -9.40
N SER B 20 -37.06 -12.91 -9.56
CA SER B 20 -38.46 -13.18 -9.88
C SER B 20 -39.31 -13.18 -8.63
N ASP B 21 -38.69 -13.10 -7.46
CA ASP B 21 -39.45 -12.84 -6.26
C ASP B 21 -39.76 -11.36 -6.05
N PHE B 22 -39.56 -10.52 -7.08
CA PHE B 22 -39.77 -9.09 -6.91
C PHE B 22 -40.58 -8.53 -8.06
N PRO B 23 -41.25 -7.39 -7.85
CA PRO B 23 -42.03 -6.79 -8.95
C PRO B 23 -41.15 -6.41 -10.13
N ALA B 24 -41.72 -6.36 -11.32
CA ALA B 24 -40.89 -6.17 -12.51
C ALA B 24 -40.02 -4.90 -12.42
N ASP B 25 -40.60 -3.82 -11.90
CA ASP B 25 -39.93 -2.53 -11.86
C ASP B 25 -38.94 -2.39 -10.69
N PHE B 26 -38.67 -3.46 -9.96
CA PHE B 26 -37.78 -3.35 -8.83
C PHE B 26 -36.34 -3.10 -9.31
N ILE B 27 -35.62 -2.21 -8.64
CA ILE B 27 -34.27 -1.83 -9.07
C ILE B 27 -33.19 -2.46 -8.20
N MET B 28 -32.25 -3.14 -8.84
CA MET B 28 -31.06 -3.68 -8.16
C MET B 28 -29.83 -2.90 -8.61
N GLY B 29 -28.88 -2.66 -7.71
CA GLY B 29 -27.70 -1.91 -8.05
C GLY B 29 -26.61 -2.01 -7.00
N THR B 30 -25.55 -1.22 -7.17
CA THR B 30 -24.41 -1.18 -6.26
C THR B 30 -24.00 0.28 -6.18
N GLY B 31 -22.97 0.57 -5.38
CA GLY B 31 -22.59 1.97 -5.23
C GLY B 31 -21.21 2.25 -4.66
N SER B 32 -20.87 3.54 -4.61
CA SER B 32 -19.54 4.00 -4.19
C SER B 32 -19.67 5.48 -3.80
N SER B 33 -18.67 6.08 -3.15
CA SER B 33 -18.64 7.55 -3.07
C SER B 33 -17.32 8.12 -3.61
N ALA B 34 -17.33 9.36 -4.06
CA ALA B 34 -16.16 9.88 -4.78
C ALA B 34 -14.81 9.68 -4.08
N TYR B 35 -14.72 10.08 -2.82
CA TYR B 35 -13.39 10.13 -2.20
C TYR B 35 -12.90 8.74 -1.94
N GLN B 36 -13.81 7.79 -1.81
CA GLN B 36 -13.35 6.47 -1.45
C GLN B 36 -12.79 5.75 -2.67
N ILE B 37 -13.11 6.21 -3.88
CA ILE B 37 -12.71 5.44 -5.07
C ILE B 37 -11.98 6.19 -6.18
N GLU B 38 -12.24 7.48 -6.36
CA GLU B 38 -11.75 8.21 -7.52
C GLU B 38 -10.21 8.33 -7.65
N GLY B 39 -9.53 8.59 -6.53
CA GLY B 39 -8.15 9.07 -6.54
C GLY B 39 -8.14 10.30 -7.39
N GLY B 40 -7.06 10.54 -8.14
CA GLY B 40 -6.97 11.80 -8.92
C GLY B 40 -7.12 13.02 -8.06
N ALA B 41 -6.77 12.90 -6.77
CA ALA B 41 -7.03 14.00 -5.77
C ALA B 41 -6.60 15.34 -6.31
N ARG B 42 -5.47 15.38 -6.99
CA ARG B 42 -4.96 16.64 -7.54
C ARG B 42 -4.84 16.63 -9.08
N ASP B 43 -5.61 15.76 -9.73
CA ASP B 43 -5.59 15.67 -11.18
C ASP B 43 -6.82 16.35 -11.72
N GLY B 44 -6.75 16.80 -12.96
CA GLY B 44 -7.88 17.40 -13.59
C GLY B 44 -8.45 18.65 -12.98
N GLY B 45 -7.65 19.39 -12.21
CA GLY B 45 -8.13 20.66 -11.66
C GLY B 45 -8.89 20.54 -10.34
N ARG B 46 -8.98 19.35 -9.76
CA ARG B 46 -9.76 19.22 -8.52
C ARG B 46 -9.13 20.00 -7.38
N GLY B 47 -9.96 20.66 -6.58
CA GLY B 47 -9.51 21.27 -5.32
C GLY B 47 -9.54 20.31 -4.15
N PRO B 48 -8.80 20.63 -3.09
CA PRO B 48 -8.77 19.82 -1.90
C PRO B 48 -10.12 19.87 -1.17
N SER B 49 -10.45 18.77 -0.48
CA SER B 49 -11.61 18.74 0.40
C SER B 49 -11.07 18.55 1.82
N ILE B 50 -11.96 18.66 2.82
CA ILE B 50 -11.53 18.51 4.21
C ILE B 50 -10.96 17.11 4.42
N TRP B 51 -11.39 16.13 3.63
CA TRP B 51 -10.76 14.81 3.77
C TRP B 51 -9.33 14.68 3.23
N ASP B 52 -8.98 15.45 2.20
CA ASP B 52 -7.59 15.61 1.82
C ASP B 52 -6.75 16.18 2.98
N THR B 53 -7.18 17.30 3.57
CA THR B 53 -6.44 17.91 4.66
C THR B 53 -6.35 16.98 5.88
N PHE B 54 -7.48 16.42 6.25
CA PHE B 54 -7.52 15.54 7.40
C PHE B 54 -6.47 14.42 7.28
N THR B 55 -6.50 13.67 6.18
CA THR B 55 -5.57 12.53 6.01
C THR B 55 -4.13 12.97 5.83
N HIS B 56 -3.93 14.15 5.27
CA HIS B 56 -2.56 14.66 5.04
C HIS B 56 -1.92 15.30 6.27
N ARG B 57 -2.71 16.07 7.01
CA ARG B 57 -2.22 16.75 8.21
C ARG B 57 -2.30 15.91 9.47
N ARG B 58 -3.09 14.84 9.45
CA ARG B 58 -3.23 14.03 10.65
C ARG B 58 -3.26 12.57 10.28
N PRO B 59 -2.16 12.08 9.71
CA PRO B 59 -2.03 10.71 9.28
C PRO B 59 -2.12 9.75 10.44
N ASP B 60 -1.89 10.26 11.63
CA ASP B 60 -2.06 9.44 12.83
C ASP B 60 -3.54 9.08 13.02
N MET B 61 -4.46 9.80 12.41
CA MET B 61 -5.86 9.44 12.57
C MET B 61 -6.32 8.33 11.62
N ILE B 62 -5.41 7.76 10.84
CA ILE B 62 -5.82 6.79 9.80
C ILE B 62 -5.00 5.52 9.89
N ARG B 63 -5.66 4.36 9.90
CA ARG B 63 -4.92 3.11 9.93
C ARG B 63 -3.86 3.14 8.85
N GLY B 64 -2.60 3.04 9.25
CA GLY B 64 -1.52 2.94 8.29
C GLY B 64 -1.10 4.26 7.73
N GLY B 65 -1.77 5.34 8.12
CA GLY B 65 -1.36 6.67 7.70
C GLY B 65 -1.67 6.97 6.24
N THR B 66 -2.61 6.23 5.64
CA THR B 66 -2.90 6.38 4.22
C THR B 66 -3.91 7.46 3.99
N ASN B 67 -4.19 7.73 2.73
CA ASN B 67 -5.13 8.74 2.32
C ASN B 67 -5.78 8.33 0.99
N GLY B 68 -6.55 9.21 0.38
CA GLY B 68 -7.17 8.85 -0.89
C GLY B 68 -6.65 9.63 -2.09
N ASP B 69 -5.34 9.87 -2.17
CA ASP B 69 -4.81 10.61 -3.32
C ASP B 69 -5.11 9.78 -4.59
N VAL B 70 -4.86 8.49 -4.49
CA VAL B 70 -4.99 7.57 -5.60
C VAL B 70 -6.17 6.61 -5.37
N ALA B 71 -6.43 6.24 -4.12
CA ALA B 71 -7.52 5.32 -3.77
C ALA B 71 -7.47 4.06 -4.63
N VAL B 72 -8.52 3.79 -5.39
CA VAL B 72 -8.43 2.69 -6.36
C VAL B 72 -8.52 3.27 -7.77
N ASP B 73 -8.28 4.56 -7.89
CA ASP B 73 -8.01 5.20 -9.17
C ASP B 73 -9.15 5.03 -10.17
N SER B 74 -10.38 5.08 -9.70
CA SER B 74 -11.51 5.06 -10.62
C SER B 74 -11.51 6.26 -11.49
N TYR B 75 -10.75 7.27 -11.10
CA TYR B 75 -10.72 8.47 -11.92
C TYR B 75 -10.08 8.16 -13.30
N HIS B 76 -9.08 7.31 -13.32
CA HIS B 76 -8.46 6.95 -14.59
C HIS B 76 -9.05 5.62 -15.10
N LEU B 77 -9.49 4.76 -14.19
CA LEU B 77 -9.97 3.43 -14.58
C LEU B 77 -11.48 3.32 -14.79
N TYR B 78 -12.17 4.44 -14.87
CA TYR B 78 -13.61 4.37 -14.91
C TYR B 78 -14.16 3.55 -16.09
N LYS B 79 -13.44 3.46 -17.20
CA LYS B 79 -13.94 2.69 -18.34
C LYS B 79 -13.98 1.25 -17.95
N GLU B 80 -13.04 0.85 -17.12
CA GLU B 80 -13.08 -0.49 -16.66
C GLU B 80 -14.23 -0.77 -15.67
N ASP B 81 -14.47 0.15 -14.71
CA ASP B 81 -15.56 0.00 -13.73
C ASP B 81 -16.87 -0.13 -14.50
N VAL B 82 -17.04 0.69 -15.52
CA VAL B 82 -18.21 0.61 -16.34
C VAL B 82 -18.34 -0.78 -16.97
N ASN B 83 -17.22 -1.34 -17.39
CA ASN B 83 -17.26 -2.63 -17.99
C ASN B 83 -17.59 -3.69 -16.97
N ILE B 84 -16.99 -3.59 -15.81
CA ILE B 84 -17.43 -4.47 -14.71
C ILE B 84 -18.96 -4.35 -14.45
N LEU B 85 -19.52 -3.15 -14.44
CA LEU B 85 -20.93 -2.94 -14.17
C LEU B 85 -21.83 -3.56 -15.26
N LYS B 86 -21.41 -3.44 -16.53
CA LYS B 86 -22.08 -4.12 -17.63
C LYS B 86 -22.04 -5.64 -17.44
N ASN B 87 -20.94 -6.22 -17.01
CA ASN B 87 -20.96 -7.68 -16.91
C ASN B 87 -21.80 -8.12 -15.73
N LEU B 88 -21.89 -7.24 -14.74
CA LEU B 88 -22.59 -7.56 -13.52
C LEU B 88 -24.09 -7.71 -13.79
N GLY B 89 -24.65 -6.85 -14.62
CA GLY B 89 -26.02 -7.02 -15.05
C GLY B 89 -27.11 -6.26 -14.31
N LEU B 90 -26.79 -5.57 -13.21
CA LEU B 90 -27.80 -4.89 -12.42
C LEU B 90 -28.31 -3.63 -13.10
N ASP B 91 -29.40 -3.07 -12.59
CA ASP B 91 -30.11 -1.97 -13.26
C ASP B 91 -29.44 -0.63 -13.09
N ALA B 92 -28.69 -0.47 -11.99
CA ALA B 92 -28.40 0.86 -11.54
C ALA B 92 -27.11 0.94 -10.75
N TYR B 93 -26.56 2.13 -10.72
CA TYR B 93 -25.29 2.33 -10.06
C TYR B 93 -25.37 3.64 -9.33
N ARG B 94 -24.94 3.64 -8.09
CA ARG B 94 -25.08 4.86 -7.33
C ARG B 94 -23.67 5.41 -7.01
N PHE B 95 -23.49 6.70 -7.19
CA PHE B 95 -22.16 7.25 -6.93
C PHE B 95 -22.31 8.71 -6.55
N SER B 96 -21.31 9.33 -5.93
CA SER B 96 -21.43 10.78 -5.63
C SER B 96 -20.52 11.59 -6.51
N ILE B 97 -20.75 12.89 -6.53
CA ILE B 97 -19.96 13.83 -7.25
C ILE B 97 -19.05 14.53 -6.23
N SER B 98 -17.79 14.76 -6.61
CA SER B 98 -16.88 15.46 -5.74
C SER B 98 -17.03 16.92 -5.99
N TRP B 99 -17.71 17.58 -5.05
CA TRP B 99 -17.91 19.03 -5.08
C TRP B 99 -16.64 19.79 -5.50
N SER B 100 -15.49 19.48 -4.93
CA SER B 100 -14.35 20.34 -5.21
C SER B 100 -13.59 19.85 -6.46
N ARG B 101 -14.19 18.86 -7.14
CA ARG B 101 -13.71 18.52 -8.48
C ARG B 101 -14.42 19.38 -9.49
N VAL B 102 -15.67 19.75 -9.21
CA VAL B 102 -16.33 20.61 -10.18
C VAL B 102 -16.24 22.07 -9.80
N LEU B 103 -16.10 22.34 -8.50
CA LEU B 103 -15.87 23.74 -8.05
C LEU B 103 -14.70 23.77 -7.08
N PRO B 104 -13.48 23.91 -7.61
CA PRO B 104 -12.28 23.62 -6.80
C PRO B 104 -12.16 24.57 -5.62
N GLY B 105 -12.78 25.74 -5.73
CA GLY B 105 -12.80 26.67 -4.62
C GLY B 105 -14.15 26.71 -3.89
N GLY B 106 -15.02 25.73 -4.15
CA GLY B 106 -16.24 25.57 -3.40
C GLY B 106 -17.36 26.44 -3.89
N ARG B 107 -17.15 27.75 -3.95
CA ARG B 107 -18.15 28.69 -4.45
C ARG B 107 -17.84 29.15 -5.89
N LEU B 108 -18.85 29.60 -6.64
CA LEU B 108 -18.68 30.01 -8.05
C LEU B 108 -17.44 30.91 -8.32
N SER B 109 -17.21 31.90 -7.48
CA SER B 109 -16.09 32.82 -7.73
C SER B 109 -14.71 32.13 -7.69
N GLY B 110 -14.63 30.90 -7.21
CA GLY B 110 -13.35 30.18 -7.27
C GLY B 110 -13.09 29.43 -8.60
N GLY B 111 -13.99 29.56 -9.57
CA GLY B 111 -13.80 28.94 -10.88
C GLY B 111 -14.61 27.67 -11.09
N VAL B 112 -15.19 27.54 -12.28
CA VAL B 112 -15.84 26.29 -12.66
C VAL B 112 -14.85 25.38 -13.36
N ASN B 113 -14.69 24.15 -12.90
CA ASN B 113 -13.75 23.22 -13.52
C ASN B 113 -14.32 22.32 -14.67
N LYS B 114 -14.24 22.82 -15.89
CA LYS B 114 -14.66 22.05 -17.08
C LYS B 114 -14.18 20.61 -17.16
N GLU B 115 -12.93 20.34 -16.83
CA GLU B 115 -12.43 18.97 -16.86
C GLU B 115 -13.17 18.04 -15.91
N GLY B 116 -13.48 18.54 -14.72
CA GLY B 116 -14.25 17.76 -13.75
C GLY B 116 -15.66 17.48 -14.25
N ILE B 117 -16.31 18.49 -14.77
CA ILE B 117 -17.60 18.29 -15.39
C ILE B 117 -17.52 17.25 -16.49
N ASN B 118 -16.43 17.32 -17.24
CA ASN B 118 -16.24 16.42 -18.35
C ASN B 118 -16.08 14.95 -17.91
N TYR B 119 -15.34 14.74 -16.82
CA TYR B 119 -15.25 13.42 -16.23
C TYR B 119 -16.63 12.84 -15.87
N TYR B 120 -17.48 13.61 -15.18
CA TYR B 120 -18.78 13.06 -14.75
C TYR B 120 -19.68 12.82 -15.99
N ASN B 121 -19.60 13.69 -16.98
CA ASN B 121 -20.32 13.42 -18.22
C ASN B 121 -19.84 12.11 -18.86
N ASN B 122 -18.53 11.88 -18.87
CA ASN B 122 -18.05 10.63 -19.47
C ASN B 122 -18.56 9.44 -18.71
N LEU B 123 -18.51 9.50 -17.40
CA LEU B 123 -19.00 8.41 -16.57
C LEU B 123 -20.50 8.17 -16.85
N ILE B 124 -21.28 9.24 -16.87
CA ILE B 124 -22.71 9.11 -17.08
C ILE B 124 -23.08 8.59 -18.48
N ASP B 125 -22.43 9.12 -19.52
CA ASP B 125 -22.61 8.62 -20.88
C ASP B 125 -22.26 7.13 -20.98
N GLY B 126 -21.16 6.72 -20.35
CA GLY B 126 -20.80 5.31 -20.34
C GLY B 126 -21.82 4.40 -19.67
N LEU B 127 -22.28 4.78 -18.47
CA LEU B 127 -23.32 4.01 -17.78
C LEU B 127 -24.54 3.85 -18.70
N LEU B 128 -25.05 4.95 -19.22
CA LEU B 128 -26.21 4.92 -20.10
C LEU B 128 -25.99 4.13 -21.40
N ALA B 129 -24.82 4.27 -22.03
CA ALA B 129 -24.58 3.53 -23.26
C ALA B 129 -24.74 2.07 -22.95
N ASN B 130 -24.65 1.73 -21.67
CA ASN B 130 -24.74 0.32 -21.33
C ASN B 130 -26.02 -0.05 -20.61
N GLY B 131 -27.03 0.82 -20.68
CA GLY B 131 -28.27 0.55 -19.96
C GLY B 131 -28.19 0.45 -18.43
N ILE B 132 -27.24 1.16 -17.83
CA ILE B 132 -27.20 1.27 -16.37
C ILE B 132 -27.69 2.64 -15.97
N LYS B 133 -28.71 2.68 -15.10
CA LYS B 133 -29.27 3.96 -14.63
C LYS B 133 -28.40 4.54 -13.52
N PRO B 134 -28.02 5.82 -13.64
CA PRO B 134 -27.22 6.40 -12.57
C PRO B 134 -28.05 7.06 -11.45
N PHE B 135 -27.73 6.73 -10.21
CA PHE B 135 -28.26 7.48 -9.06
C PHE B 135 -27.15 8.33 -8.46
N VAL B 136 -27.33 9.64 -8.48
CA VAL B 136 -26.23 10.52 -8.13
C VAL B 136 -26.46 11.25 -6.83
N THR B 137 -25.52 11.10 -5.92
CA THR B 137 -25.57 11.81 -4.65
C THR B 137 -24.71 13.04 -4.74
N LEU B 138 -25.25 14.19 -4.33
CA LEU B 138 -24.47 15.41 -4.40
C LEU B 138 -23.33 15.47 -3.38
N PHE B 139 -23.51 14.91 -2.18
CA PHE B 139 -22.57 15.20 -1.10
C PHE B 139 -22.25 14.00 -0.26
N HIS B 140 -20.97 13.66 -0.15
CA HIS B 140 -20.61 12.55 0.71
C HIS B 140 -19.43 12.93 1.58
N TRP B 141 -19.59 14.03 2.33
CA TRP B 141 -18.66 14.44 3.40
C TRP B 141 -17.44 15.18 2.91
N ASP B 142 -17.26 15.28 1.58
CA ASP B 142 -16.05 15.90 1.02
C ASP B 142 -16.26 17.40 0.83
N VAL B 143 -16.40 18.13 1.93
CA VAL B 143 -16.56 19.58 1.90
C VAL B 143 -15.30 20.22 1.31
N PRO B 144 -15.48 21.15 0.34
CA PRO B 144 -14.28 21.83 -0.20
C PRO B 144 -13.52 22.54 0.90
N GLN B 145 -12.23 22.27 1.04
CA GLN B 145 -11.42 22.91 2.04
C GLN B 145 -11.53 24.44 2.04
N ALA B 146 -11.89 25.04 0.93
CA ALA B 146 -11.80 26.48 0.87
C ALA B 146 -12.98 27.10 1.62
N LEU B 147 -14.15 26.44 1.55
CA LEU B 147 -15.34 26.87 2.27
C LEU B 147 -15.10 26.55 3.75
N GLU B 148 -14.53 25.39 4.01
CA GLU B 148 -14.16 25.13 5.38
C GLU B 148 -13.26 26.24 5.98
N ASP B 149 -12.20 26.64 5.27
CA ASP B 149 -11.27 27.62 5.81
C ASP B 149 -11.88 29.04 5.79
N GLU B 150 -12.79 29.30 4.88
CA GLU B 150 -13.22 30.66 4.78
C GLU B 150 -14.24 30.98 5.87
N TYR B 151 -15.16 30.07 6.14
CA TYR B 151 -16.22 30.37 7.09
C TYR B 151 -16.69 29.22 8.00
N GLY B 152 -15.91 28.15 8.10
CA GLY B 152 -16.25 27.02 8.96
C GLY B 152 -17.13 25.99 8.28
N GLY B 153 -17.19 26.00 6.96
CA GLY B 153 -18.01 25.01 6.27
C GLY B 153 -19.42 24.90 6.83
N PHE B 154 -19.80 23.73 7.30
CA PHE B 154 -21.20 23.51 7.70
C PHE B 154 -21.58 24.07 9.08
N LEU B 155 -20.57 24.48 9.85
CA LEU B 155 -20.79 25.29 11.03
C LEU B 155 -21.56 26.54 10.65
N SER B 156 -21.08 27.27 9.62
CA SER B 156 -21.73 28.51 9.21
C SER B 156 -22.96 28.26 8.38
N PRO B 157 -23.94 29.18 8.42
CA PRO B 157 -25.07 29.02 7.50
C PRO B 157 -24.77 29.58 6.10
N ARG B 158 -23.58 30.15 5.92
CA ARG B 158 -23.26 30.59 4.56
C ARG B 158 -23.27 29.38 3.60
N ILE B 159 -22.93 28.22 4.15
CA ILE B 159 -22.92 26.98 3.40
C ILE B 159 -24.24 26.67 2.65
N VAL B 160 -25.35 27.31 3.00
CA VAL B 160 -26.59 26.92 2.31
C VAL B 160 -26.64 27.45 0.88
N ASP B 161 -26.20 28.69 0.73
CA ASP B 161 -26.21 29.32 -0.58
C ASP B 161 -25.16 28.65 -1.48
N ASP B 162 -23.93 28.51 -0.99
CA ASP B 162 -22.90 27.89 -1.80
C ASP B 162 -23.38 26.51 -2.25
N PHE B 163 -23.94 25.77 -1.32
CA PHE B 163 -24.39 24.44 -1.62
C PHE B 163 -25.44 24.46 -2.74
N CYS B 164 -26.27 25.48 -2.75
CA CYS B 164 -27.31 25.60 -3.77
C CYS B 164 -26.74 25.95 -5.14
N GLU B 165 -25.67 26.73 -5.15
CA GLU B 165 -25.04 27.03 -6.42
C GLU B 165 -24.46 25.73 -7.01
N TYR B 166 -23.87 24.93 -6.14
CA TYR B 166 -23.29 23.67 -6.52
C TYR B 166 -24.38 22.73 -7.04
N ALA B 167 -25.47 22.57 -6.28
CA ALA B 167 -26.56 21.70 -6.70
C ALA B 167 -27.03 22.14 -8.06
N GLU B 168 -27.16 23.45 -8.23
CA GLU B 168 -27.70 23.98 -9.47
C GLU B 168 -26.82 23.65 -10.69
N LEU B 169 -25.51 23.83 -10.52
CA LEU B 169 -24.52 23.48 -11.53
C LEU B 169 -24.77 22.05 -11.98
N CYS B 170 -24.81 21.12 -11.02
CA CYS B 170 -25.02 19.73 -11.37
C CYS B 170 -26.31 19.47 -12.13
N PHE B 171 -27.41 20.10 -11.75
CA PHE B 171 -28.69 19.76 -12.39
C PHE B 171 -28.62 20.25 -13.81
N TRP B 172 -28.02 21.43 -13.98
CA TRP B 172 -27.92 22.03 -15.29
C TRP B 172 -27.07 21.19 -16.26
N GLU B 173 -25.95 20.64 -15.78
CA GLU B 173 -25.04 19.92 -16.62
C GLU B 173 -25.49 18.47 -16.83
N PHE B 174 -25.98 17.83 -15.79
CA PHE B 174 -26.25 16.41 -15.89
C PHE B 174 -27.73 16.06 -15.91
N GLY B 175 -28.59 17.03 -15.57
CA GLY B 175 -30.02 16.74 -15.36
C GLY B 175 -30.77 16.20 -16.56
N ASP B 176 -30.21 16.39 -17.76
CA ASP B 176 -30.85 15.91 -18.94
C ASP B 176 -30.75 14.40 -18.93
N ARG B 177 -29.80 13.82 -18.20
CA ARG B 177 -29.63 12.37 -18.23
C ARG B 177 -29.87 11.72 -16.89
N VAL B 178 -29.50 12.40 -15.81
CA VAL B 178 -29.62 11.86 -14.47
C VAL B 178 -31.00 12.21 -13.92
N LYS B 179 -31.79 11.18 -13.64
CA LYS B 179 -33.19 11.39 -13.33
C LYS B 179 -33.46 11.04 -11.86
N HIS B 180 -32.42 10.66 -11.14
CA HIS B 180 -32.57 10.27 -9.74
C HIS B 180 -31.46 10.90 -8.90
N TRP B 181 -31.79 11.91 -8.09
CA TRP B 181 -30.80 12.63 -7.30
C TRP B 181 -30.99 12.45 -5.80
N MET B 182 -29.91 12.52 -5.05
CA MET B 182 -30.01 12.58 -3.62
C MET B 182 -29.11 13.70 -3.18
N THR B 183 -29.54 14.47 -2.19
CA THR B 183 -28.79 15.63 -1.77
C THR B 183 -27.62 15.23 -0.91
N LEU B 184 -27.88 14.45 0.14
CA LEU B 184 -26.83 14.08 1.09
C LEU B 184 -26.87 12.60 1.27
N ASN B 185 -25.74 12.01 1.67
CA ASN B 185 -25.75 10.64 2.14
C ASN B 185 -25.18 10.53 3.56
N GLN B 186 -25.89 9.84 4.43
CA GLN B 186 -25.34 9.64 5.78
C GLN B 186 -24.96 10.91 6.53
N PRO B 187 -25.82 11.92 6.48
CA PRO B 187 -25.42 13.13 7.22
C PRO B 187 -25.19 12.86 8.73
N TRP B 188 -25.86 11.86 9.29
CA TRP B 188 -25.64 11.55 10.68
C TRP B 188 -24.13 11.37 10.93
N THR B 189 -23.49 10.61 10.05
CA THR B 189 -22.11 10.19 10.31
C THR B 189 -21.18 11.39 10.22
N PHE B 190 -21.49 12.28 9.29
CA PHE B 190 -20.73 13.50 9.13
C PHE B 190 -20.80 14.35 10.39
N SER B 191 -22.02 14.66 10.79
CA SER B 191 -22.26 15.42 12.00
C SER B 191 -21.62 14.81 13.25
N VAL B 192 -21.91 13.55 13.52
CA VAL B 192 -21.42 12.95 14.76
C VAL B 192 -19.91 12.75 14.87
N HIS B 193 -19.31 12.10 13.87
CA HIS B 193 -17.87 11.85 13.94
C HIS B 193 -17.04 12.99 13.45
N GLY B 194 -17.66 13.95 12.79
CA GLY B 194 -16.96 15.16 12.42
C GLY B 194 -16.79 16.10 13.62
N TYR B 195 -17.88 16.25 14.37
CA TYR B 195 -17.97 17.27 15.43
C TYR B 195 -18.21 16.79 16.88
N ALA B 196 -18.69 15.57 17.06
CA ALA B 196 -18.86 15.02 18.41
C ALA B 196 -17.65 14.19 18.85
N THR B 197 -17.32 13.13 18.13
CA THR B 197 -16.15 12.29 18.48
C THR B 197 -14.83 12.83 17.93
N GLY B 198 -14.87 13.73 16.95
CA GLY B 198 -13.64 14.20 16.29
C GLY B 198 -12.82 13.13 15.54
N LEU B 199 -13.45 12.01 15.17
CA LEU B 199 -12.69 10.90 14.55
C LEU B 199 -12.64 10.99 13.01
N TYR B 200 -13.60 11.71 12.43
CA TYR B 200 -13.68 11.94 10.99
C TYR B 200 -13.47 13.42 10.75
N ALA B 201 -13.06 13.78 9.52
CA ALA B 201 -12.90 15.17 9.14
C ALA B 201 -14.19 15.93 9.42
N PRO B 202 -14.08 17.18 9.88
CA PRO B 202 -12.84 17.92 10.08
C PRO B 202 -12.12 17.66 11.38
N GLY B 203 -12.50 16.61 12.09
CA GLY B 203 -11.83 16.25 13.33
C GLY B 203 -12.00 17.24 14.50
N ARG B 204 -13.21 17.69 14.78
CA ARG B 204 -13.41 18.64 15.87
C ARG B 204 -14.03 18.10 17.18
N GLY B 205 -13.74 18.78 18.29
CA GLY B 205 -14.48 18.58 19.54
C GLY B 205 -13.92 17.51 20.46
N ARG B 206 -12.77 17.79 21.05
CA ARG B 206 -12.06 16.82 21.86
C ARG B 206 -11.37 15.78 21.01
N SER B 231 -11.71 28.57 19.05
CA SER B 231 -11.88 27.37 19.87
C SER B 231 -11.52 26.08 19.13
N THR B 232 -11.57 24.97 19.85
CA THR B 232 -11.11 23.69 19.34
C THR B 232 -12.26 22.70 19.07
N GLY B 233 -13.50 23.18 19.19
CA GLY B 233 -14.63 22.27 19.04
C GLY B 233 -15.45 22.12 20.32
N ASN B 234 -16.60 21.48 20.19
CA ASN B 234 -17.58 21.40 21.25
C ASN B 234 -18.70 20.43 20.92
N PRO B 235 -18.58 19.20 21.43
CA PRO B 235 -19.49 18.09 21.14
C PRO B 235 -20.87 18.30 21.72
N GLY B 236 -21.03 19.35 22.53
CA GLY B 236 -22.34 19.67 23.09
C GLY B 236 -23.13 20.53 22.14
N THR B 237 -22.44 21.34 21.34
CA THR B 237 -23.14 22.30 20.50
C THR B 237 -22.98 22.09 18.98
N GLU B 238 -21.75 21.98 18.51
CA GLU B 238 -21.49 21.94 17.05
C GLU B 238 -22.30 20.87 16.27
N PRO B 239 -22.33 19.63 16.77
CA PRO B 239 -23.10 18.62 16.06
C PRO B 239 -24.54 19.07 15.76
N TYR B 240 -25.13 19.88 16.64
CA TYR B 240 -26.51 20.29 16.42
C TYR B 240 -26.60 21.41 15.42
N TRP B 241 -25.59 22.27 15.36
CA TRP B 241 -25.61 23.31 14.33
C TRP B 241 -25.36 22.69 12.96
N VAL B 242 -24.31 21.85 12.89
CA VAL B 242 -23.96 21.14 11.68
C VAL B 242 -25.15 20.37 11.12
N THR B 243 -25.85 19.63 11.98
CA THR B 243 -27.02 18.91 11.49
C THR B 243 -28.08 19.90 11.04
N HIS B 244 -28.16 21.02 11.75
CA HIS B 244 -29.15 22.03 11.42
C HIS B 244 -28.88 22.59 10.03
N HIS B 245 -27.62 22.92 9.75
CA HIS B 245 -27.24 23.44 8.43
C HIS B 245 -27.35 22.39 7.31
N LEU B 246 -26.92 21.15 7.58
CA LEU B 246 -27.17 20.04 6.66
C LEU B 246 -28.61 20.04 6.21
N LEU B 247 -29.55 19.98 7.16
CA LEU B 247 -30.96 19.90 6.81
C LEU B 247 -31.46 21.07 5.96
N LEU B 248 -31.01 22.27 6.28
CA LEU B 248 -31.42 23.44 5.52
C LEU B 248 -30.85 23.41 4.09
N ALA B 249 -29.61 22.93 3.97
CA ALA B 249 -28.95 22.78 2.68
C ALA B 249 -29.74 21.79 1.88
N HIS B 250 -30.10 20.70 2.54
CA HIS B 250 -30.89 19.72 1.85
C HIS B 250 -32.17 20.33 1.34
N ALA B 251 -32.79 21.20 2.14
CA ALA B 251 -34.15 21.65 1.83
C ALA B 251 -34.13 22.69 0.73
N ALA B 252 -33.12 23.57 0.79
CA ALA B 252 -33.03 24.65 -0.18
C ALA B 252 -32.77 24.04 -1.56
N ALA B 253 -31.86 23.06 -1.63
CA ALA B 253 -31.59 22.34 -2.88
C ALA B 253 -32.81 21.62 -3.43
N VAL B 254 -33.58 20.96 -2.57
CA VAL B 254 -34.79 20.27 -3.04
C VAL B 254 -35.81 21.26 -3.59
N GLU B 255 -35.98 22.38 -2.90
CA GLU B 255 -36.85 23.40 -3.42
C GLU B 255 -36.34 23.93 -4.76
N LEU B 256 -35.04 24.22 -4.84
CA LEU B 256 -34.48 24.66 -6.10
C LEU B 256 -34.75 23.64 -7.21
N TYR B 257 -34.62 22.36 -6.92
CA TYR B 257 -34.84 21.39 -7.97
C TYR B 257 -36.31 21.34 -8.39
N LYS B 258 -37.19 21.38 -7.40
CA LYS B 258 -38.61 21.27 -7.64
C LYS B 258 -39.12 22.45 -8.44
N ASN B 259 -38.70 23.65 -8.07
CA ASN B 259 -39.19 24.85 -8.74
C ASN B 259 -38.52 25.20 -10.06
N LYS B 260 -37.28 24.74 -10.26
CA LYS B 260 -36.52 25.22 -11.43
C LYS B 260 -36.16 24.14 -12.43
N PHE B 261 -36.14 22.89 -12.01
CA PHE B 261 -35.66 21.88 -12.90
C PHE B 261 -36.66 20.79 -13.20
N GLN B 262 -37.50 20.48 -12.21
CA GLN B 262 -38.33 19.27 -12.22
C GLN B 262 -39.23 19.16 -13.42
N ARG B 263 -39.79 20.28 -13.83
CA ARG B 263 -40.69 20.25 -14.94
C ARG B 263 -39.96 20.00 -16.26
N GLY B 264 -38.81 20.64 -16.42
CA GLY B 264 -38.02 20.45 -17.65
C GLY B 264 -37.33 19.10 -17.72
N GLN B 265 -36.87 18.58 -16.58
CA GLN B 265 -36.04 17.39 -16.60
C GLN B 265 -36.74 16.14 -16.17
N GLU B 266 -37.82 16.30 -15.38
CA GLU B 266 -38.67 15.21 -14.95
C GLU B 266 -37.96 14.14 -14.17
N GLY B 267 -37.12 14.52 -13.21
CA GLY B 267 -36.48 13.52 -12.39
C GLY B 267 -36.97 13.67 -10.96
N GLN B 268 -36.39 12.89 -10.06
CA GLN B 268 -36.78 12.95 -8.68
C GLN B 268 -35.60 13.20 -7.80
N ILE B 269 -35.86 13.71 -6.62
CA ILE B 269 -34.79 13.98 -5.69
C ILE B 269 -35.13 13.45 -4.29
N GLY B 270 -34.12 13.11 -3.49
CA GLY B 270 -34.30 12.43 -2.23
C GLY B 270 -33.08 12.61 -1.34
N ILE B 271 -32.91 11.75 -0.34
CA ILE B 271 -31.80 11.88 0.59
C ILE B 271 -31.57 10.54 1.26
N SER B 272 -30.43 10.37 1.91
CA SER B 272 -30.06 9.07 2.44
C SER B 272 -29.49 9.07 3.85
N HIS B 273 -30.01 8.17 4.68
CA HIS B 273 -29.73 8.26 6.10
C HIS B 273 -29.13 7.05 6.70
N ALA B 274 -28.22 7.29 7.61
CA ALA B 274 -27.70 6.24 8.45
C ALA B 274 -28.83 5.71 9.35
N THR B 275 -28.86 4.39 9.52
CA THR B 275 -29.78 3.74 10.42
C THR B 275 -29.07 2.56 11.02
N GLN B 276 -29.57 2.11 12.16
CA GLN B 276 -29.08 0.92 12.83
C GLN B 276 -30.22 0.48 13.73
N TRP B 277 -30.63 -0.78 13.61
CA TRP B 277 -31.76 -1.21 14.41
C TRP B 277 -31.49 -1.17 15.91
N MET B 278 -32.42 -0.56 16.62
CA MET B 278 -32.32 -0.42 18.07
C MET B 278 -33.25 -1.42 18.72
N GLU B 279 -32.68 -2.31 19.55
CA GLU B 279 -33.44 -3.34 20.25
C GLU B 279 -33.36 -3.13 21.78
N PRO B 280 -34.52 -3.24 22.45
CA PRO B 280 -34.61 -3.19 23.92
C PRO B 280 -33.83 -4.32 24.58
N TRP B 281 -32.84 -3.98 25.38
CA TRP B 281 -32.03 -4.99 26.05
C TRP B 281 -32.97 -6.03 26.68
N ASP B 282 -33.97 -5.55 27.42
CA ASP B 282 -35.02 -6.40 27.99
C ASP B 282 -36.35 -6.16 27.30
N GLU B 283 -36.81 -7.15 26.55
CA GLU B 283 -38.11 -7.09 25.86
C GLU B 283 -39.25 -6.47 26.67
N ASN B 284 -39.20 -6.69 27.98
CA ASN B 284 -40.24 -6.25 28.90
C ASN B 284 -40.02 -4.82 29.39
N SER B 285 -39.00 -4.61 30.22
CA SER B 285 -38.71 -3.25 30.73
C SER B 285 -39.17 -2.15 29.75
N ALA B 286 -40.36 -1.60 29.96
CA ALA B 286 -40.88 -0.57 29.06
C ALA B 286 -40.03 0.68 29.17
N SER B 287 -39.05 0.62 30.06
CA SER B 287 -38.02 1.62 30.17
C SER B 287 -36.90 1.41 29.11
N ASP B 288 -36.80 0.18 28.62
CA ASP B 288 -35.87 -0.17 27.55
C ASP B 288 -36.56 0.07 26.22
N VAL B 289 -37.84 -0.20 26.17
CA VAL B 289 -38.63 0.14 25.02
C VAL B 289 -38.50 1.65 24.75
N GLU B 290 -38.42 2.44 25.81
CA GLU B 290 -38.23 3.88 25.66
C GLU B 290 -36.83 4.26 25.20
N ALA B 291 -35.83 3.58 25.77
CA ALA B 291 -34.44 3.85 25.47
C ALA B 291 -34.19 3.61 23.98
N ALA B 292 -34.70 2.48 23.50
CA ALA B 292 -34.58 2.11 22.11
C ALA B 292 -35.22 3.17 21.24
N ALA B 293 -36.47 3.51 21.53
CA ALA B 293 -37.16 4.52 20.72
C ALA B 293 -36.44 5.87 20.77
N ARG B 294 -35.76 6.14 21.89
CA ARG B 294 -35.03 7.39 21.99
C ARG B 294 -33.77 7.30 21.14
N ALA B 295 -33.13 6.14 21.16
CA ALA B 295 -31.92 5.92 20.34
C ALA B 295 -32.25 6.15 18.86
N LEU B 296 -33.38 5.63 18.41
CA LEU B 296 -33.83 5.90 17.08
C LEU B 296 -33.99 7.40 16.81
N ASP B 297 -34.78 8.11 17.62
CA ASP B 297 -34.96 9.56 17.45
C ASP B 297 -33.63 10.29 17.23
N PHE B 298 -32.64 9.96 18.06
CA PHE B 298 -31.37 10.66 18.05
C PHE B 298 -30.49 10.32 16.86
N MET B 299 -30.88 9.30 16.10
CA MET B 299 -30.13 8.90 14.94
C MET B 299 -30.91 9.18 13.68
N LEU B 300 -32.07 8.54 13.51
CA LEU B 300 -32.89 8.71 12.33
C LEU B 300 -33.95 9.83 12.46
N GLY B 301 -34.49 10.01 13.68
CA GLY B 301 -35.54 11.05 13.89
C GLY B 301 -34.94 12.44 13.73
N TRP B 302 -33.73 12.58 14.24
CA TRP B 302 -32.93 13.79 14.08
C TRP B 302 -33.03 14.37 12.67
N PHE B 303 -33.02 13.50 11.65
CA PHE B 303 -33.16 13.93 10.25
C PHE B 303 -34.56 13.66 9.71
N MET B 304 -35.17 12.54 10.11
CA MET B 304 -36.48 12.20 9.53
C MET B 304 -37.65 13.08 9.99
N GLU B 305 -37.63 13.52 11.26
CA GLU B 305 -38.74 14.33 11.80
C GLU B 305 -38.84 15.67 11.09
N PRO B 306 -37.70 16.36 10.94
CA PRO B 306 -37.76 17.65 10.29
C PRO B 306 -38.26 17.63 8.84
N ILE B 307 -37.95 16.61 8.06
CA ILE B 307 -38.46 16.62 6.68
C ILE B 307 -39.86 16.00 6.65
N THR B 308 -40.38 15.73 7.83
CA THR B 308 -41.69 15.08 7.91
C THR B 308 -42.74 16.05 8.45
N SER B 309 -42.40 16.76 9.51
CA SER B 309 -43.36 17.68 10.10
C SER B 309 -42.72 19.05 10.23
N GLY B 310 -41.41 19.14 10.05
CA GLY B 310 -40.78 20.43 10.02
C GLY B 310 -40.22 20.80 11.37
N ASP B 311 -39.97 19.78 12.19
CA ASP B 311 -39.45 20.02 13.51
C ASP B 311 -38.70 18.80 14.02
N TYR B 312 -37.82 19.00 15.00
CA TYR B 312 -37.14 17.91 15.68
C TYR B 312 -38.09 17.13 16.57
N PRO B 313 -37.71 15.91 16.96
CA PRO B 313 -38.56 15.06 17.81
C PRO B 313 -38.54 15.47 19.30
N LYS B 314 -39.66 15.27 19.99
CA LYS B 314 -39.82 15.77 21.38
C LYS B 314 -38.67 15.29 22.23
N SER B 315 -38.36 14.00 22.10
CA SER B 315 -37.31 13.38 22.89
C SER B 315 -36.03 14.16 22.81
N MET B 316 -35.80 14.78 21.66
CA MET B 316 -34.56 15.46 21.44
C MET B 316 -34.70 16.84 22.05
N LYS B 317 -35.83 17.47 21.79
CA LYS B 317 -36.10 18.78 22.36
C LYS B 317 -36.04 18.72 23.88
N LYS B 318 -36.62 17.67 24.46
CA LYS B 318 -36.55 17.45 25.90
C LYS B 318 -35.12 17.36 26.46
N PHE B 319 -34.33 16.40 25.98
CA PHE B 319 -33.00 16.14 26.56
C PHE B 319 -31.85 17.05 26.12
N VAL B 320 -32.03 17.82 25.04
CA VAL B 320 -30.97 18.74 24.62
C VAL B 320 -31.43 20.14 24.95
N GLY B 321 -32.74 20.33 24.92
CA GLY B 321 -33.36 21.58 25.28
C GLY B 321 -32.89 22.77 24.48
N SER B 322 -32.20 23.69 25.14
CA SER B 322 -31.94 24.98 24.52
C SER B 322 -30.66 24.98 23.68
N ARG B 323 -29.96 23.85 23.66
CA ARG B 323 -28.78 23.74 22.80
C ARG B 323 -29.20 23.34 21.39
N LEU B 324 -30.49 23.05 21.20
CA LEU B 324 -31.02 22.57 19.95
C LEU B 324 -31.71 23.70 19.17
N PRO B 325 -31.16 24.10 18.01
CA PRO B 325 -31.68 25.27 17.28
C PRO B 325 -33.12 25.10 16.85
N LYS B 326 -33.81 26.21 16.57
CA LYS B 326 -35.17 26.12 16.07
C LYS B 326 -35.26 26.55 14.63
N PHE B 327 -36.34 26.15 13.98
CA PHE B 327 -36.57 26.51 12.60
C PHE B 327 -37.50 27.71 12.52
N SER B 328 -37.10 28.74 11.79
CA SER B 328 -38.08 29.75 11.42
C SER B 328 -39.31 28.96 10.92
N PRO B 329 -40.46 29.62 10.87
CA PRO B 329 -41.62 28.87 10.39
C PRO B 329 -41.59 28.72 8.88
N GLU B 330 -40.88 29.60 8.19
CA GLU B 330 -40.76 29.41 6.74
C GLU B 330 -39.72 28.33 6.43
N GLN B 331 -38.67 28.25 7.25
CA GLN B 331 -37.78 27.10 7.25
C GLN B 331 -38.57 25.80 7.44
N SER B 332 -39.39 25.72 8.49
CA SER B 332 -40.18 24.51 8.71
C SER B 332 -41.02 24.20 7.50
N LYS B 333 -41.51 25.23 6.85
CA LYS B 333 -42.47 25.02 5.79
C LYS B 333 -41.72 24.46 4.56
N MET B 334 -40.42 24.75 4.53
CA MET B 334 -39.59 24.43 3.40
C MET B 334 -39.04 23.02 3.58
N LEU B 335 -38.77 22.65 4.83
CA LEU B 335 -38.26 21.30 5.15
C LEU B 335 -39.36 20.25 5.10
N LYS B 336 -40.58 20.70 5.32
CA LYS B 336 -41.68 19.77 5.45
C LYS B 336 -41.96 19.12 4.09
N GLY B 337 -41.76 17.83 3.96
CA GLY B 337 -42.09 17.15 2.69
C GLY B 337 -41.04 17.36 1.60
N SER B 338 -39.80 17.67 2.01
CA SER B 338 -38.74 17.98 1.08
C SER B 338 -38.05 16.74 0.48
N TYR B 339 -38.78 15.94 -0.30
CA TYR B 339 -38.18 14.76 -0.89
C TYR B 339 -39.18 13.97 -1.71
N ASP B 340 -38.68 13.28 -2.74
CA ASP B 340 -39.52 12.40 -3.56
C ASP B 340 -39.37 10.96 -3.11
N PHE B 341 -38.31 10.67 -2.39
CA PHE B 341 -38.11 9.33 -1.89
C PHE B 341 -37.04 9.45 -0.83
N VAL B 342 -36.93 8.42 0.00
CA VAL B 342 -35.89 8.35 1.00
C VAL B 342 -35.14 7.04 0.80
N GLY B 343 -33.82 7.05 1.00
CA GLY B 343 -33.08 5.81 0.98
C GLY B 343 -32.55 5.61 2.36
N LEU B 344 -32.41 4.35 2.77
CA LEU B 344 -31.81 4.05 4.07
C LEU B 344 -30.62 3.14 3.93
N ASN B 345 -29.59 3.40 4.72
CA ASN B 345 -28.46 2.53 4.78
C ASN B 345 -28.52 1.73 6.06
N TYR B 346 -28.43 0.42 5.93
CA TYR B 346 -28.51 -0.46 7.06
C TYR B 346 -27.36 -1.44 7.06
N TYR B 347 -26.75 -1.62 8.23
CA TYR B 347 -25.69 -2.60 8.39
C TYR B 347 -25.90 -3.52 9.59
N THR B 348 -26.09 -2.94 10.77
CA THR B 348 -26.09 -3.75 11.99
C THR B 348 -27.17 -3.32 12.99
N ALA B 349 -27.12 -3.84 14.21
CA ALA B 349 -28.18 -3.63 15.19
C ALA B 349 -27.58 -3.66 16.59
N SER B 350 -28.35 -3.17 17.55
CA SER B 350 -27.85 -3.08 18.90
C SER B 350 -28.97 -3.28 19.93
N TYR B 351 -28.61 -3.73 21.12
CA TYR B 351 -29.48 -3.67 22.29
C TYR B 351 -29.31 -2.31 22.96
N VAL B 352 -30.42 -1.75 23.42
CA VAL B 352 -30.35 -0.50 24.15
C VAL B 352 -31.05 -0.62 25.50
N THR B 353 -30.46 0.03 26.48
CA THR B 353 -31.08 0.15 27.76
C THR B 353 -30.87 1.58 28.20
N ASN B 354 -31.46 1.95 29.33
CA ASN B 354 -31.30 3.29 29.86
C ASN B 354 -29.91 3.54 30.45
N ALA B 355 -29.57 4.79 30.73
CA ALA B 355 -28.28 5.06 31.36
C ALA B 355 -28.44 5.76 32.71
N SER B 356 -27.37 5.79 33.52
CA SER B 356 -27.35 6.58 34.78
C SER B 356 -28.59 7.49 34.98
N ASN B 364 -18.37 18.84 29.65
CA ASN B 364 -19.63 18.66 30.34
C ASN B 364 -20.71 18.08 29.42
N PHE B 365 -21.29 18.92 28.56
CA PHE B 365 -22.33 18.46 27.63
C PHE B 365 -21.78 17.76 26.38
N SER B 366 -22.57 16.86 25.79
CA SER B 366 -22.13 16.11 24.63
C SER B 366 -23.18 15.21 23.97
N TYR B 367 -23.28 15.33 22.64
CA TYR B 367 -24.26 14.58 21.88
C TYR B 367 -24.39 13.15 22.39
N ASN B 368 -23.26 12.49 22.65
CA ASN B 368 -23.31 11.09 23.06
C ASN B 368 -24.03 10.95 24.38
N THR B 369 -23.62 11.73 25.37
CA THR B 369 -24.23 11.64 26.69
C THR B 369 -25.68 12.17 26.67
N ASP B 370 -25.99 13.07 25.76
CA ASP B 370 -27.34 13.60 25.63
C ASP B 370 -28.42 12.56 25.29
N ILE B 371 -28.03 11.41 24.75
CA ILE B 371 -29.03 10.45 24.30
C ILE B 371 -29.58 9.67 25.50
N HIS B 372 -28.77 9.58 26.56
CA HIS B 372 -29.15 8.82 27.77
C HIS B 372 -29.50 7.37 27.46
N VAL B 373 -28.59 6.66 26.79
CA VAL B 373 -28.77 5.24 26.58
C VAL B 373 -27.42 4.57 26.71
N THR B 374 -27.44 3.26 26.90
CA THR B 374 -26.24 2.45 26.76
C THR B 374 -26.58 1.36 25.74
N TYR B 375 -25.56 0.95 24.98
CA TYR B 375 -25.73 -0.12 24.00
C TYR B 375 -25.12 -1.39 24.56
N GLU B 376 -25.80 -2.49 24.33
CA GLU B 376 -25.30 -3.77 24.75
C GLU B 376 -25.30 -4.66 23.51
N THR B 377 -24.39 -5.62 23.47
CA THR B 377 -24.34 -6.55 22.35
C THR B 377 -24.95 -7.93 22.63
N ASP B 378 -24.98 -8.36 23.91
CA ASP B 378 -25.60 -9.65 24.25
C ASP B 378 -26.77 -9.55 25.24
N ARG B 379 -27.62 -10.57 25.15
CA ARG B 379 -28.54 -10.96 26.20
C ARG B 379 -27.99 -12.22 26.82
N ASN B 380 -27.53 -12.10 28.05
CA ASN B 380 -27.11 -13.28 28.78
C ASN B 380 -26.09 -14.06 28.01
N GLY B 381 -24.99 -13.38 27.67
CA GLY B 381 -23.86 -14.00 26.99
C GLY B 381 -24.08 -14.28 25.52
N VAL B 382 -25.26 -13.97 25.00
CA VAL B 382 -25.51 -14.23 23.58
C VAL B 382 -25.59 -12.93 22.79
N PRO B 383 -24.61 -12.73 21.89
CA PRO B 383 -24.55 -11.54 21.05
C PRO B 383 -25.78 -11.52 20.14
N ILE B 384 -26.24 -10.32 19.81
CA ILE B 384 -27.38 -10.16 18.95
C ILE B 384 -27.21 -10.80 17.57
N GLY B 385 -25.96 -11.04 17.16
CA GLY B 385 -25.65 -11.74 15.91
C GLY B 385 -24.14 -11.91 15.85
N PRO B 386 -23.65 -12.76 14.93
CA PRO B 386 -22.20 -12.98 14.80
C PRO B 386 -21.47 -11.76 14.22
N GLN B 387 -20.17 -11.65 14.51
CA GLN B 387 -19.36 -10.55 13.92
C GLN B 387 -18.98 -10.86 12.49
N SER B 388 -18.71 -9.82 11.73
CA SER B 388 -18.07 -9.95 10.45
C SER B 388 -16.59 -9.71 10.71
N GLY B 389 -15.89 -9.21 9.69
CA GLY B 389 -14.49 -8.83 9.87
C GLY B 389 -14.33 -7.66 10.82
N SER B 390 -15.39 -6.86 10.97
CA SER B 390 -15.38 -5.70 11.85
C SER B 390 -16.17 -5.95 13.14
N ASP B 391 -15.66 -5.44 14.25
CA ASP B 391 -16.27 -5.75 15.54
C ASP B 391 -17.50 -4.91 15.87
N TRP B 392 -17.74 -3.84 15.11
CA TRP B 392 -18.93 -3.04 15.35
C TRP B 392 -20.08 -3.57 14.50
N LEU B 393 -19.82 -4.62 13.73
CA LEU B 393 -20.84 -5.05 12.79
C LEU B 393 -21.32 -6.46 13.11
N LEU B 394 -22.52 -6.52 13.65
CA LEU B 394 -23.06 -7.79 14.07
C LEU B 394 -24.16 -8.16 13.11
N ILE B 395 -24.15 -9.40 12.64
CA ILE B 395 -25.04 -9.75 11.57
C ILE B 395 -26.44 -10.04 12.11
N TYR B 396 -27.39 -9.19 11.73
CA TYR B 396 -28.74 -9.31 12.22
C TYR B 396 -29.72 -8.95 11.10
N PRO B 397 -30.01 -9.91 10.22
CA PRO B 397 -30.81 -9.63 9.01
C PRO B 397 -32.19 -9.04 9.28
N GLU B 398 -32.77 -9.37 10.43
CA GLU B 398 -34.15 -8.99 10.74
C GLU B 398 -34.22 -7.50 10.99
N GLY B 399 -33.09 -6.94 11.37
CA GLY B 399 -32.97 -5.50 11.61
C GLY B 399 -33.46 -4.67 10.44
N ILE B 400 -33.13 -5.11 9.23
CA ILE B 400 -33.47 -4.35 8.04
C ILE B 400 -34.99 -4.36 7.79
N ARG B 401 -35.62 -5.51 8.01
CA ARG B 401 -37.07 -5.57 7.99
C ARG B 401 -37.69 -4.62 9.02
N LYS B 402 -37.12 -4.61 10.22
CA LYS B 402 -37.67 -3.77 11.29
C LYS B 402 -37.52 -2.29 10.99
N ILE B 403 -36.29 -1.88 10.69
CA ILE B 403 -36.00 -0.48 10.44
C ILE B 403 -36.84 0.02 9.29
N LEU B 404 -37.12 -0.84 8.31
CA LEU B 404 -37.93 -0.44 7.17
C LEU B 404 -39.39 -0.22 7.55
N VAL B 405 -39.92 -1.15 8.34
CA VAL B 405 -41.32 -1.10 8.81
C VAL B 405 -41.47 0.09 9.77
N TYR B 406 -40.55 0.17 10.72
CA TYR B 406 -40.52 1.29 11.63
C TYR B 406 -40.53 2.65 10.94
N THR B 407 -39.81 2.75 9.82
CA THR B 407 -39.73 4.03 9.10
C THR B 407 -41.03 4.35 8.38
N LYS B 408 -41.61 3.37 7.70
CA LYS B 408 -42.89 3.63 7.05
C LYS B 408 -43.94 3.98 8.11
N LYS B 409 -43.98 3.19 9.18
CA LYS B 409 -44.93 3.40 10.27
C LYS B 409 -44.75 4.79 10.88
N THR B 410 -43.59 5.05 11.48
CA THR B 410 -43.33 6.30 12.20
C THR B 410 -43.36 7.59 11.39
N TYR B 411 -43.03 7.53 10.09
CA TYR B 411 -42.85 8.76 9.31
C TYR B 411 -43.61 8.70 8.02
N ASN B 412 -44.08 7.53 7.65
CA ASN B 412 -45.09 7.57 6.65
C ASN B 412 -44.57 7.81 5.23
N VAL B 413 -43.29 7.55 5.01
CA VAL B 413 -42.66 7.68 3.69
C VAL B 413 -43.35 6.83 2.64
N PRO B 414 -43.75 7.44 1.52
CA PRO B 414 -44.43 6.61 0.51
C PRO B 414 -43.51 5.76 -0.40
N LEU B 415 -42.23 6.08 -0.44
CA LEU B 415 -41.29 5.48 -1.41
C LEU B 415 -39.89 5.38 -0.85
N ILE B 416 -39.39 4.16 -0.74
CA ILE B 416 -38.12 3.91 -0.13
C ILE B 416 -37.21 3.07 -1.01
N TYR B 417 -35.92 3.37 -0.90
CA TYR B 417 -34.83 2.58 -1.46
C TYR B 417 -33.90 2.18 -0.33
N VAL B 418 -33.44 0.94 -0.33
CA VAL B 418 -32.32 0.63 0.51
C VAL B 418 -31.08 1.07 -0.27
N THR B 419 -30.42 2.13 0.20
CA THR B 419 -29.33 2.74 -0.55
C THR B 419 -27.95 2.20 -0.21
N GLU B 420 -27.80 1.56 0.94
CA GLU B 420 -26.54 0.88 1.25
C GLU B 420 -26.82 -0.34 2.09
N ASN B 421 -26.10 -1.43 1.82
CA ASN B 421 -26.17 -2.59 2.69
C ASN B 421 -25.07 -3.56 2.31
N GLY B 422 -24.27 -3.98 3.28
CA GLY B 422 -23.21 -4.92 3.00
C GLY B 422 -22.35 -5.21 4.21
N VAL B 423 -21.29 -5.98 4.00
CA VAL B 423 -20.45 -6.46 5.07
C VAL B 423 -19.02 -6.57 4.52
N ASP B 424 -18.04 -6.76 5.41
CA ASP B 424 -16.65 -6.76 5.07
C ASP B 424 -16.00 -8.11 5.29
N ASP B 425 -14.98 -8.42 4.48
CA ASP B 425 -14.25 -9.67 4.63
C ASP B 425 -13.42 -9.63 5.91
N VAL B 426 -13.16 -10.79 6.47
CA VAL B 426 -12.19 -10.91 7.54
C VAL B 426 -10.81 -10.50 7.03
N LYS B 427 -10.06 -9.72 7.82
CA LYS B 427 -8.71 -9.26 7.41
C LYS B 427 -7.71 -10.41 7.32
N ASN B 428 -7.11 -10.60 6.15
CA ASN B 428 -6.15 -11.67 6.00
C ASN B 428 -5.30 -11.48 4.76
N THR B 429 -4.15 -10.85 4.93
CA THR B 429 -3.22 -10.60 3.84
C THR B 429 -2.53 -11.89 3.38
N ASN B 430 -2.87 -13.02 3.99
CA ASN B 430 -2.25 -14.29 3.71
C ASN B 430 -2.87 -15.15 2.61
N LEU B 431 -3.92 -14.66 1.97
CA LEU B 431 -4.63 -15.48 1.02
C LEU B 431 -4.28 -15.10 -0.43
N THR B 432 -4.12 -16.12 -1.26
CA THR B 432 -4.02 -15.88 -2.71
C THR B 432 -5.39 -15.52 -3.22
N LEU B 433 -5.42 -14.92 -4.39
CA LEU B 433 -6.69 -14.46 -4.95
C LEU B 433 -7.81 -15.52 -4.91
N SER B 434 -7.53 -16.75 -5.30
CA SER B 434 -8.66 -17.65 -5.45
C SER B 434 -9.30 -17.96 -4.08
N GLU B 435 -8.52 -17.79 -3.01
CA GLU B 435 -9.02 -17.96 -1.66
C GLU B 435 -9.74 -16.68 -1.27
N ALA B 436 -9.11 -15.57 -1.58
CA ALA B 436 -9.61 -14.28 -1.16
C ALA B 436 -10.97 -14.04 -1.71
N ARG B 437 -11.27 -14.58 -2.88
CA ARG B 437 -12.48 -14.13 -3.55
C ARG B 437 -13.72 -14.92 -3.13
N LYS B 438 -13.52 -15.93 -2.28
CA LYS B 438 -14.63 -16.78 -1.88
C LYS B 438 -15.31 -16.13 -0.70
N ASP B 439 -16.17 -15.16 -0.95
CA ASP B 439 -16.74 -14.40 0.15
C ASP B 439 -18.09 -14.98 0.61
N SER B 440 -18.03 -16.17 1.20
CA SER B 440 -19.23 -16.88 1.67
C SER B 440 -20.04 -16.03 2.61
N MET B 441 -19.36 -15.49 3.61
CA MET B 441 -20.04 -14.68 4.59
C MET B 441 -20.79 -13.54 3.91
N ARG B 442 -20.15 -12.85 2.97
CA ARG B 442 -20.86 -11.78 2.27
C ARG B 442 -22.05 -12.32 1.45
N LEU B 443 -21.88 -13.48 0.86
CA LEU B 443 -22.89 -14.03 -0.01
C LEU B 443 -24.16 -14.28 0.84
N LYS B 444 -23.98 -15.00 1.93
CA LYS B 444 -25.05 -15.26 2.86
C LYS B 444 -25.64 -13.97 3.45
N TYR B 445 -24.78 -13.01 3.78
CA TYR B 445 -25.25 -11.76 4.33
C TYR B 445 -26.15 -11.03 3.35
N LEU B 446 -25.83 -11.07 2.07
CA LEU B 446 -26.68 -10.38 1.08
C LEU B 446 -27.98 -11.16 0.92
N GLN B 447 -27.89 -12.47 0.87
CA GLN B 447 -29.06 -13.33 0.70
C GLN B 447 -30.07 -13.03 1.79
N ASP B 448 -29.59 -13.12 3.03
CA ASP B 448 -30.42 -12.88 4.19
C ASP B 448 -31.03 -11.49 4.22
N HIS B 449 -30.28 -10.47 3.84
CA HIS B 449 -30.85 -9.15 3.91
C HIS B 449 -31.80 -8.85 2.78
N ILE B 450 -31.48 -9.34 1.60
CA ILE B 450 -32.41 -9.15 0.49
C ILE B 450 -33.75 -9.89 0.73
N PHE B 451 -33.68 -11.04 1.38
CA PHE B 451 -34.84 -11.78 1.79
C PHE B 451 -35.71 -10.95 2.75
N ASN B 452 -35.10 -10.41 3.79
CA ASN B 452 -35.83 -9.56 4.72
C ASN B 452 -36.42 -8.31 4.09
N VAL B 453 -35.73 -7.76 3.10
CA VAL B 453 -36.30 -6.62 2.37
C VAL B 453 -37.62 -7.04 1.72
N ARG B 454 -37.64 -8.27 1.21
CA ARG B 454 -38.79 -8.83 0.51
C ARG B 454 -39.99 -9.02 1.48
N GLN B 455 -39.65 -9.40 2.71
CA GLN B 455 -40.65 -9.53 3.76
C GLN B 455 -41.28 -8.19 4.07
N ALA B 456 -40.44 -7.19 4.33
CA ALA B 456 -40.92 -5.87 4.65
C ALA B 456 -41.86 -5.38 3.56
N MET B 457 -41.64 -5.82 2.34
CA MET B 457 -42.56 -5.40 1.29
C MET B 457 -43.92 -6.07 1.48
N ASN B 458 -43.92 -7.33 1.88
CA ASN B 458 -45.18 -8.01 2.21
C ASN B 458 -45.88 -7.31 3.37
N ASP B 459 -45.11 -6.91 4.37
CA ASP B 459 -45.65 -6.07 5.44
C ASP B 459 -46.12 -4.70 5.01
N GLY B 460 -46.33 -4.49 3.70
CA GLY B 460 -46.82 -3.20 3.21
C GLY B 460 -45.85 -2.02 3.00
N VAL B 461 -44.55 -2.19 3.23
CA VAL B 461 -43.60 -1.10 2.97
C VAL B 461 -43.27 -1.05 1.49
N ASN B 462 -43.33 0.14 0.90
CA ASN B 462 -43.15 0.28 -0.55
C ASN B 462 -41.69 0.55 -0.97
N VAL B 463 -40.89 -0.52 -1.04
CA VAL B 463 -39.47 -0.41 -1.37
C VAL B 463 -39.27 -0.56 -2.89
N LYS B 464 -38.70 0.45 -3.55
CA LYS B 464 -38.56 0.40 -5.01
C LYS B 464 -37.21 -0.16 -5.47
N GLY B 465 -36.26 -0.26 -4.55
CA GLY B 465 -35.02 -0.87 -4.90
C GLY B 465 -34.04 -1.05 -3.77
N TYR B 466 -32.96 -1.77 -4.09
CA TYR B 466 -31.93 -2.16 -3.14
C TYR B 466 -30.55 -2.03 -3.84
N PHE B 467 -29.62 -1.38 -3.14
CA PHE B 467 -28.25 -1.16 -3.60
C PHE B 467 -27.25 -1.80 -2.66
N ALA B 468 -26.52 -2.79 -3.15
CA ALA B 468 -25.49 -3.39 -2.34
C ALA B 468 -24.31 -2.42 -2.17
N TRP B 469 -23.65 -2.51 -1.01
CA TRP B 469 -22.51 -1.65 -0.75
C TRP B 469 -21.36 -2.54 -0.38
N SER B 470 -20.21 -2.32 -1.01
CA SER B 470 -20.04 -1.37 -2.11
C SER B 470 -19.64 -2.07 -3.41
N LEU B 471 -19.46 -1.34 -4.49
CA LEU B 471 -18.97 -2.02 -5.70
C LEU B 471 -17.54 -2.56 -5.58
N LEU B 472 -16.62 -1.71 -5.11
CA LEU B 472 -15.21 -2.06 -5.03
C LEU B 472 -14.70 -2.03 -3.60
N ASP B 473 -13.79 -2.94 -3.27
CA ASP B 473 -12.95 -2.72 -2.11
C ASP B 473 -12.42 -1.30 -2.30
N ASN B 474 -12.38 -0.50 -1.25
CA ASN B 474 -11.90 0.86 -1.43
C ASN B 474 -11.36 1.53 -0.14
N PHE B 475 -11.17 2.84 -0.16
CA PHE B 475 -10.78 3.56 1.03
C PHE B 475 -11.91 3.60 2.05
N GLU B 476 -11.61 3.19 3.27
CA GLU B 476 -12.62 3.11 4.31
C GLU B 476 -12.30 4.10 5.47
N TRP B 477 -12.07 5.35 5.10
CA TRP B 477 -12.02 6.42 6.07
C TRP B 477 -10.95 6.22 7.15
N GLY B 478 -11.33 6.21 8.42
CA GLY B 478 -10.35 6.01 9.51
C GLY B 478 -9.66 4.66 9.40
N GLU B 479 -10.36 3.75 8.74
CA GLU B 479 -9.89 2.37 8.56
C GLU B 479 -8.83 2.22 7.46
N GLY B 480 -8.65 3.24 6.63
CA GLY B 480 -7.69 3.10 5.54
C GLY B 480 -8.08 2.05 4.52
N TYR B 481 -7.14 1.22 4.11
CA TYR B 481 -7.42 0.20 3.09
C TYR B 481 -7.51 -1.20 3.66
N GLY B 482 -7.42 -1.30 4.98
CA GLY B 482 -7.38 -2.59 5.65
C GLY B 482 -8.70 -3.33 5.74
N VAL B 483 -9.76 -2.70 5.28
CA VAL B 483 -11.08 -3.28 5.40
C VAL B 483 -11.77 -3.39 4.03
N ARG B 484 -12.27 -4.56 3.69
CA ARG B 484 -12.79 -4.82 2.35
C ARG B 484 -14.30 -5.03 2.27
N PHE B 485 -15.03 -4.04 1.74
CA PHE B 485 -16.47 -4.08 1.65
C PHE B 485 -17.02 -4.43 0.27
N GLY B 486 -16.11 -4.69 -0.68
CA GLY B 486 -16.52 -4.77 -2.10
C GLY B 486 -17.15 -6.07 -2.56
N ILE B 487 -18.03 -5.99 -3.53
CA ILE B 487 -18.34 -7.23 -4.21
C ILE B 487 -17.29 -7.48 -5.32
N ILE B 488 -16.48 -6.46 -5.63
CA ILE B 488 -15.31 -6.63 -6.53
C ILE B 488 -13.99 -6.50 -5.75
N HIS B 489 -13.13 -7.49 -5.86
CA HIS B 489 -11.84 -7.51 -5.18
C HIS B 489 -10.85 -6.59 -5.86
N ILE B 490 -10.02 -5.93 -5.07
CA ILE B 490 -9.02 -5.02 -5.57
C ILE B 490 -7.62 -5.49 -5.14
N ASP B 491 -6.71 -5.62 -6.10
CA ASP B 491 -5.33 -6.02 -5.78
C ASP B 491 -4.47 -4.77 -5.62
N TYR B 492 -4.23 -4.39 -4.38
CA TYR B 492 -3.50 -3.17 -4.08
C TYR B 492 -2.01 -3.29 -4.52
N ASN B 493 -1.53 -4.51 -4.68
CA ASN B 493 -0.17 -4.72 -5.05
C ASN B 493 0.10 -4.60 -6.54
N ASP B 494 -0.96 -4.56 -7.34
CA ASP B 494 -0.82 -4.60 -8.79
C ASP B 494 -1.81 -3.69 -9.46
N ASN B 495 -1.59 -2.40 -9.32
CA ASN B 495 -2.43 -1.43 -9.98
C ASN B 495 -3.94 -1.50 -9.72
N PHE B 496 -4.39 -1.95 -8.55
CA PHE B 496 -5.82 -1.92 -8.26
C PHE B 496 -6.62 -2.75 -9.24
N ALA B 497 -6.05 -3.89 -9.64
CA ALA B 497 -6.72 -4.86 -10.51
C ALA B 497 -8.05 -5.30 -9.92
N ARG B 498 -9.08 -5.22 -10.74
CA ARG B 498 -10.43 -5.63 -10.33
C ARG B 498 -10.68 -7.08 -10.65
N TYR B 499 -11.27 -7.83 -9.72
CA TYR B 499 -11.68 -9.19 -9.99
C TYR B 499 -12.97 -9.49 -9.19
N PRO B 500 -13.97 -10.19 -9.80
CA PRO B 500 -15.22 -10.42 -9.07
C PRO B 500 -15.12 -11.47 -7.97
N LYS B 501 -15.69 -11.16 -6.82
CA LYS B 501 -15.87 -12.17 -5.77
C LYS B 501 -17.12 -13.02 -6.13
N ASP B 502 -17.30 -14.13 -5.43
CA ASP B 502 -18.47 -14.98 -5.59
C ASP B 502 -19.77 -14.21 -5.42
N SER B 503 -19.82 -13.27 -4.49
CA SER B 503 -21.04 -12.51 -4.31
C SER B 503 -21.43 -11.81 -5.59
N ALA B 504 -20.44 -11.26 -6.28
CA ALA B 504 -20.70 -10.56 -7.54
C ALA B 504 -21.33 -11.52 -8.57
N VAL B 505 -20.82 -12.75 -8.63
CA VAL B 505 -21.27 -13.68 -9.64
C VAL B 505 -22.68 -14.10 -9.25
N TRP B 506 -22.88 -14.39 -7.96
CA TRP B 506 -24.21 -14.64 -7.43
C TRP B 506 -25.22 -13.54 -7.80
N LEU B 507 -24.89 -12.28 -7.55
CA LEU B 507 -25.79 -11.20 -7.92
C LEU B 507 -26.12 -11.17 -9.40
N MET B 508 -25.12 -11.38 -10.25
CA MET B 508 -25.34 -11.36 -11.70
C MET B 508 -26.30 -12.50 -12.11
N ASN B 509 -26.05 -13.70 -11.59
CA ASN B 509 -26.88 -14.85 -11.91
C ASN B 509 -28.32 -14.78 -11.37
N SER B 510 -28.47 -14.34 -10.12
CA SER B 510 -29.77 -14.24 -9.48
C SER B 510 -30.57 -13.05 -9.91
N PHE B 511 -29.93 -11.95 -10.30
CA PHE B 511 -30.67 -10.71 -10.52
C PHE B 511 -30.45 -10.05 -11.89
N HIS B 512 -29.78 -10.72 -12.79
CA HIS B 512 -29.50 -10.09 -14.04
C HIS B 512 -30.76 -9.56 -14.72
N LYS B 513 -30.78 -8.27 -15.00
CA LYS B 513 -31.69 -7.73 -16.00
C LYS B 513 -31.78 -6.22 -15.91
C1 DH8 C . 20.64 -6.01 2.43
O1 DH8 C . 21.10 -7.25 3.01
C2 DH8 C . 20.43 -6.32 0.92
O2 DH8 C . 21.68 -6.63 0.24
C3 DH8 C . 19.66 -5.23 0.16
O3 DH8 C . 19.16 -5.77 -1.12
C4 DH8 C . 18.49 -4.71 1.02
O4 DH8 C . 17.92 -3.54 0.43
C5 DH8 C . 18.93 -4.44 2.47
O5 DH8 C . 19.40 -5.65 3.08
C6 DH8 C . 17.77 -3.90 3.31
O6 DH8 C . 16.80 -4.93 3.53
CAA DH8 C . 24.80 -8.62 5.08
CAB DH8 C . 19.93 -12.37 10.18
OAC DH8 C . 21.25 -12.68 8.19
CAH DH8 C . 23.63 -7.72 4.68
CAI DH8 C . 16.13 -13.10 7.46
CAJ DH8 C . 16.45 -12.35 8.60
CAK DH8 C . 16.71 -12.80 6.23
CAL DH8 C . 17.36 -11.29 8.52
CAN DH8 C . 20.92 -10.09 4.48
CAO DH8 C . 18.99 -8.52 7.37
NAP DH8 C . 18.31 -11.26 5.07
OAQ DH8 C . 20.52 -10.59 8.53
CAT DH8 C . 20.61 -11.90 8.90
CAU DH8 C . 22.30 -8.12 4.86
CAV DH8 C . 18.55 -9.83 5.34
CAW DH8 C . 17.62 -11.73 6.12
CAX DH8 C . 17.94 -10.98 7.28
CBC DH8 C . 21.94 -9.47 5.44
CBD DH8 C . 19.66 -9.21 4.50
CBF DH8 C . 20.23 -8.06 6.58
CBG DH8 C . 21.13 -7.24 4.46
CBH DH8 C . 20.38 -10.41 7.11
CBI DH8 C . 21.25 -9.22 6.76
NBJ DH8 C . 19.97 -7.90 5.11
CBK DH8 C . 18.95 -9.92 6.81
CL CL D . 18.89 -23.14 -25.56
C1 DH8 E . -20.44 3.23 6.20
O1 DH8 E . -20.95 3.83 7.45
C2 DH8 E . -20.32 4.31 5.09
O2 DH8 E . -21.62 4.62 4.55
C3 DH8 E . -19.38 3.95 3.92
O3 DH8 E . -18.78 5.17 3.40
C4 DH8 E . -18.30 2.91 4.29
O4 DH8 E . -17.91 2.19 3.13
C5 DH8 E . -18.76 1.89 5.34
O5 DH8 E . -19.18 2.56 6.52
C6 DH8 E . -17.63 0.94 5.72
O6 DH8 E . -16.57 1.66 6.35
CAA DH8 E . -24.50 3.12 10.06
CAB DH8 E . -19.15 2.58 15.96
OAC DH8 E . -20.35 4.57 15.23
CAH DH8 E . -23.31 2.84 9.12
CAI DH8 E . -15.70 5.29 14.58
CAJ DH8 E . -16.02 3.98 14.93
CAK DH8 E . -16.30 5.91 13.49
CAL DH8 E . -16.96 3.28 14.19
CAN DH8 E . -20.70 5.02 10.52
CAO DH8 E . -18.57 2.04 11.52
NAP DH8 E . -17.96 5.60 11.66
OAQ DH8 E . -20.47 2.82 13.83
CAT DH8 E . -20.04 3.40 14.99
CAU DH8 E . -22.01 3.20 9.48
CAV DH8 E . -18.27 4.35 10.94
CAW DH8 E . -17.24 5.21 12.74
CAX DH8 E . -17.56 3.89 13.10
CBC DH8 E . -21.66 3.86 10.79
CBD DH8 E . -19.41 4.43 9.92
CBF DH8 E . -19.85 2.16 10.65
CBG DH8 E . -20.83 2.91 8.56
CBH DH8 E . -20.08 3.57 12.63
CBI DH8 E . -20.90 2.83 11.58
NBJ DH8 E . -19.65 3.04 9.47
CBK DH8 E . -18.60 3.44 12.09
CL CL F . -19.34 33.52 -5.43
#